data_6Y3Y
#
_entry.id   6Y3Y
#
_cell.length_a   1.00
_cell.length_b   1.00
_cell.length_c   1.00
_cell.angle_alpha   90.00
_cell.angle_beta   90.00
_cell.angle_gamma   90.00
#
_symmetry.space_group_name_H-M   'P 1'
#
loop_
_entity.id
_entity.type
_entity.pdbx_description
1 polymer Hemagglutinin-esterase
2 branched alpha-D-mannopyranose-(1-3)-beta-D-mannopyranose-(1-4)-2-acetamido-2-deoxy-beta-D-glucopyranose-(1-4)-2-acetamido-2-deoxy-beta-D-glucopyranose
3 branched alpha-D-mannopyranose-(1-3)-[alpha-D-mannopyranose-(1-6)]beta-D-mannopyranose-(1-4)-2-acetamido-2-deoxy-beta-D-glucopyranose-(1-4)-2-acetamido-2-deoxy-beta-D-glucopyranose
4 branched beta-D-mannopyranose-(1-4)-2-acetamido-2-deoxy-beta-D-glucopyranose-(1-4)-2-acetamido-2-deoxy-beta-D-glucopyranose
5 branched 2-acetamido-2-deoxy-beta-D-glucopyranose-(1-4)-2-acetamido-2-deoxy-beta-D-glucopyranose
6 non-polymer 2-acetamido-2-deoxy-beta-D-glucopyranose
#
_entity_poly.entity_id   1
_entity_poly.type   'polypeptide(L)'
_entity_poly.pdbx_seq_one_letter_code
;LAFNEPLNVVSHLNHDWFLFGDSRSDCNHINNLKIKNFDYLDIHPSLCNNGKISSSAGDSIFKSFHFTRFYNYTGEGDQI
IFYEGVNFNPYHRFKCFPNGSNDVWLLNKVRFYRALYSNMAFFRYLTFVDIPYNVSLSKFNSCKSDILSLNNPIFINYSK
EVYFTLLGCSLYLVPLCLFKSNFSQYYYNIDTGSVYGFSNVVYPDLDCIYISLKPGSYKVSTTAPFLSLPTKALCFDKSK
QFVPVQVVDSRWNNERASDISLSVACQLPYCYFRNSSANYVGKYDINHGDSGFISILSGLLYNVSCISYYGVFLYDNFTS
IWPYYSFGRCPTSSIIKHPICVYDSDPLVPR
;
_entity_poly.pdbx_strand_id   A,B
#
# COMPACT_ATOMS: atom_id res chain seq x y z
N ASN A 4 10.97 -29.93 14.79
CA ASN A 4 9.96 -28.98 14.36
C ASN A 4 9.89 -28.98 12.84
N GLU A 5 8.77 -28.53 12.28
CA GLU A 5 8.55 -28.59 10.84
C GLU A 5 7.52 -27.54 10.48
N PRO A 6 7.70 -26.82 9.36
CA PRO A 6 6.64 -25.90 8.92
C PRO A 6 5.42 -26.66 8.43
N LEU A 7 4.25 -26.14 8.81
CA LEU A 7 2.98 -26.82 8.57
C LEU A 7 2.15 -26.02 7.57
N ASN A 8 1.43 -26.74 6.71
CA ASN A 8 0.57 -26.11 5.72
C ASN A 8 -0.84 -25.90 6.29
N VAL A 9 -0.92 -25.07 7.33
CA VAL A 9 -2.17 -24.80 8.01
C VAL A 9 -2.40 -23.29 8.05
N VAL A 10 -3.56 -22.91 8.57
CA VAL A 10 -3.84 -21.55 8.98
C VAL A 10 -4.15 -21.58 10.47
N SER A 11 -3.64 -20.61 11.21
CA SER A 11 -3.71 -20.68 12.65
C SER A 11 -3.79 -19.27 13.22
N HIS A 12 -3.48 -19.14 14.50
CA HIS A 12 -3.56 -17.87 15.20
C HIS A 12 -2.60 -17.89 16.37
N LEU A 13 -2.23 -16.71 16.84
CA LEU A 13 -1.24 -16.59 17.91
C LEU A 13 -1.87 -16.47 19.29
N ASN A 14 -3.13 -16.08 19.39
CA ASN A 14 -3.78 -15.89 20.67
C ASN A 14 -5.27 -16.21 20.51
N HIS A 15 -6.08 -15.75 21.46
CA HIS A 15 -7.51 -15.99 21.46
C HIS A 15 -8.28 -15.01 20.59
N ASP A 16 -7.60 -14.18 19.82
CA ASP A 16 -8.23 -13.12 19.04
C ASP A 16 -7.97 -13.41 17.57
N TRP A 17 -8.88 -14.15 16.94
CA TRP A 17 -8.80 -14.42 15.52
C TRP A 17 -10.20 -14.34 14.94
N PHE A 18 -10.30 -14.43 13.62
CA PHE A 18 -11.61 -14.47 12.99
C PHE A 18 -11.46 -15.17 11.64
N LEU A 19 -12.53 -15.85 11.24
CA LEU A 19 -12.58 -16.55 9.97
C LEU A 19 -13.76 -16.06 9.15
N PHE A 20 -13.53 -15.76 7.89
CA PHE A 20 -14.60 -15.42 6.96
C PHE A 20 -14.85 -16.63 6.09
N GLY A 21 -15.90 -17.38 6.41
CA GLY A 21 -16.17 -18.66 5.78
C GLY A 21 -17.24 -18.57 4.71
N ASP A 22 -17.72 -19.74 4.33
CA ASP A 22 -18.74 -19.93 3.31
C ASP A 22 -19.52 -21.19 3.68
N SER A 23 -20.23 -21.76 2.70
CA SER A 23 -21.04 -22.96 2.95
C SER A 23 -20.21 -24.17 3.35
N ARG A 24 -18.91 -24.19 3.02
CA ARG A 24 -18.00 -25.21 3.50
C ARG A 24 -17.55 -24.97 4.92
N SER A 25 -17.98 -23.87 5.55
CA SER A 25 -17.64 -23.57 6.93
C SER A 25 -18.85 -23.00 7.66
N ASP A 26 -20.05 -23.36 7.21
CA ASP A 26 -21.27 -22.77 7.74
C ASP A 26 -21.94 -23.75 8.69
N CYS A 27 -22.03 -23.37 9.96
CA CYS A 27 -22.73 -24.17 10.94
C CYS A 27 -24.25 -24.00 10.87
N ASN A 28 -24.74 -23.05 10.08
CA ASN A 28 -26.15 -22.84 9.84
C ASN A 28 -26.60 -23.48 8.53
N HIS A 29 -25.68 -24.15 7.83
CA HIS A 29 -26.02 -24.81 6.58
C HIS A 29 -26.68 -26.16 6.81
N ILE A 30 -26.56 -26.71 8.02
CA ILE A 30 -27.20 -27.99 8.34
C ILE A 30 -28.72 -27.87 8.37
N ASN A 31 -29.26 -26.67 8.60
CA ASN A 31 -30.70 -26.46 8.63
C ASN A 31 -31.33 -26.37 7.24
N ASN A 32 -30.55 -26.55 6.18
CA ASN A 32 -31.07 -26.56 4.82
C ASN A 32 -30.58 -27.74 4.01
N LEU A 33 -29.99 -28.74 4.65
CA LEU A 33 -29.51 -29.94 3.98
C LEU A 33 -30.47 -31.10 4.17
N LYS A 34 -30.16 -32.20 3.50
CA LYS A 34 -30.89 -33.46 3.65
C LYS A 34 -30.20 -34.38 4.64
N ILE A 35 -28.93 -34.70 4.41
CA ILE A 35 -28.14 -35.46 5.37
C ILE A 35 -27.61 -34.46 6.39
N LYS A 36 -28.22 -34.44 7.57
CA LYS A 36 -27.93 -33.39 8.55
C LYS A 36 -26.84 -33.87 9.53
N ASN A 37 -25.62 -33.90 9.02
CA ASN A 37 -24.44 -34.21 9.80
C ASN A 37 -23.43 -33.07 9.67
N PHE A 38 -22.24 -33.29 10.23
CA PHE A 38 -21.15 -32.33 10.17
C PHE A 38 -20.09 -32.72 9.15
N ASP A 39 -20.42 -33.57 8.19
CA ASP A 39 -19.45 -34.12 7.26
C ASP A 39 -19.21 -33.21 6.05
N TYR A 40 -19.80 -32.02 6.02
CA TYR A 40 -19.57 -31.08 4.93
C TYR A 40 -18.61 -29.97 5.30
N LEU A 41 -18.34 -29.78 6.59
CA LEU A 41 -17.44 -28.72 7.02
C LEU A 41 -16.00 -29.07 6.69
N ASP A 42 -15.26 -28.09 6.18
CA ASP A 42 -13.81 -28.23 6.06
C ASP A 42 -13.09 -27.95 7.37
N ILE A 43 -13.78 -27.37 8.34
CA ILE A 43 -13.20 -27.08 9.63
C ILE A 43 -13.54 -28.20 10.59
N HIS A 44 -12.87 -28.24 11.72
CA HIS A 44 -13.22 -29.18 12.77
C HIS A 44 -14.53 -28.71 13.42
N PRO A 45 -15.52 -29.59 13.57
CA PRO A 45 -16.88 -29.14 13.88
C PRO A 45 -17.13 -28.70 15.31
N SER A 46 -16.09 -28.54 16.14
CA SER A 46 -16.26 -28.00 17.47
C SER A 46 -16.08 -26.49 17.52
N LEU A 47 -16.12 -25.83 16.36
CA LEU A 47 -15.84 -24.41 16.25
C LEU A 47 -17.08 -23.57 15.99
N CYS A 48 -18.27 -24.14 16.18
CA CYS A 48 -19.49 -23.43 15.80
C CYS A 48 -19.94 -22.43 16.86
N ASN A 49 -19.60 -22.66 18.13
CA ASN A 49 -20.08 -21.85 19.23
C ASN A 49 -19.20 -20.63 19.51
N ASN A 50 -18.22 -20.34 18.66
CA ASN A 50 -17.29 -19.26 18.96
C ASN A 50 -17.90 -17.90 18.69
N GLY A 51 -18.58 -17.74 17.58
CA GLY A 51 -18.84 -16.41 17.05
C GLY A 51 -17.67 -15.82 16.30
N LYS A 52 -16.57 -16.56 16.18
CA LYS A 52 -15.39 -16.14 15.45
C LYS A 52 -15.42 -16.59 14.01
N ILE A 53 -16.57 -17.04 13.51
CA ILE A 53 -16.72 -17.52 12.14
C ILE A 53 -17.95 -16.85 11.56
N SER A 54 -17.78 -16.11 10.47
CA SER A 54 -18.90 -15.62 9.68
C SER A 54 -18.91 -16.38 8.36
N SER A 55 -20.06 -16.96 8.02
CA SER A 55 -20.14 -17.89 6.90
C SER A 55 -21.59 -18.02 6.47
N SER A 56 -21.80 -18.15 5.16
CA SER A 56 -23.13 -18.19 4.59
C SER A 56 -23.23 -19.32 3.58
N ALA A 57 -24.46 -19.75 3.32
CA ALA A 57 -24.71 -20.89 2.44
C ALA A 57 -24.52 -20.45 0.98
N GLY A 58 -23.27 -20.42 0.56
CA GLY A 58 -22.95 -20.11 -0.83
C GLY A 58 -22.81 -18.63 -1.12
N ASP A 59 -22.06 -17.93 -0.28
CA ASP A 59 -21.76 -16.50 -0.47
C ASP A 59 -20.27 -16.27 -0.28
N SER A 60 -19.66 -15.58 -1.24
CA SER A 60 -18.34 -15.01 -1.04
C SER A 60 -18.49 -13.56 -0.62
N ILE A 61 -17.37 -12.87 -0.46
CA ILE A 61 -17.44 -11.45 -0.10
C ILE A 61 -17.65 -10.60 -1.36
N PHE A 62 -17.13 -11.05 -2.50
CA PHE A 62 -17.35 -10.34 -3.76
C PHE A 62 -18.81 -10.45 -4.20
N LYS A 63 -19.37 -11.66 -4.10
CA LYS A 63 -20.74 -11.91 -4.50
C LYS A 63 -21.73 -11.17 -3.60
N SER A 64 -21.47 -11.18 -2.29
CA SER A 64 -22.29 -10.40 -1.38
C SER A 64 -22.07 -8.91 -1.56
N PHE A 65 -20.91 -8.49 -2.08
CA PHE A 65 -20.63 -7.08 -2.23
C PHE A 65 -21.32 -6.49 -3.45
N HIS A 66 -21.43 -7.25 -4.53
CA HIS A 66 -22.06 -6.68 -5.72
C HIS A 66 -23.53 -7.05 -5.90
N PHE A 67 -23.96 -8.23 -5.45
CA PHE A 67 -25.19 -8.80 -5.94
C PHE A 67 -26.29 -8.80 -4.88
N THR A 68 -27.50 -9.11 -5.32
CA THR A 68 -28.64 -9.22 -4.41
C THR A 68 -28.54 -10.45 -3.53
N ARG A 69 -27.81 -11.48 -3.95
CA ARG A 69 -27.55 -12.63 -3.11
C ARG A 69 -26.60 -12.19 -2.02
N PHE A 70 -27.14 -11.77 -0.88
CA PHE A 70 -26.43 -10.95 0.09
C PHE A 70 -26.29 -11.67 1.42
N TYR A 71 -25.14 -11.48 2.07
CA TYR A 71 -24.96 -11.84 3.47
C TYR A 71 -24.10 -10.77 4.11
N ASN A 72 -24.62 -10.13 5.15
CA ASN A 72 -23.87 -9.10 5.86
C ASN A 72 -22.77 -9.75 6.69
N TYR A 73 -21.57 -9.83 6.13
CA TYR A 73 -20.42 -10.29 6.87
C TYR A 73 -20.05 -9.28 7.94
N THR A 74 -19.73 -9.77 9.13
CA THR A 74 -19.35 -8.90 10.23
C THR A 74 -18.31 -9.62 11.07
N GLY A 75 -17.17 -9.00 11.30
CA GLY A 75 -16.11 -9.66 12.02
C GLY A 75 -15.14 -8.70 12.67
N GLU A 76 -14.42 -9.22 13.65
CA GLU A 76 -13.40 -8.45 14.35
C GLU A 76 -12.36 -9.41 14.91
N GLY A 77 -11.09 -9.12 14.66
CA GLY A 77 -10.03 -9.96 15.18
C GLY A 77 -8.68 -9.44 14.74
N ASP A 78 -7.65 -9.90 15.45
CA ASP A 78 -6.29 -9.50 15.13
C ASP A 78 -5.77 -10.29 13.93
N GLN A 79 -5.65 -11.61 14.07
CA GLN A 79 -5.34 -12.45 12.92
C GLN A 79 -6.61 -12.73 12.16
N ILE A 80 -6.58 -12.54 10.84
CA ILE A 80 -7.75 -12.72 10.01
C ILE A 80 -7.47 -13.81 8.99
N ILE A 81 -8.38 -14.77 8.87
CA ILE A 81 -8.26 -15.88 7.94
C ILE A 81 -9.46 -15.84 7.02
N PHE A 82 -9.25 -15.99 5.71
CA PHE A 82 -10.36 -16.08 4.78
C PHE A 82 -10.51 -17.51 4.29
N TYR A 83 -11.75 -17.96 4.14
CA TYR A 83 -12.05 -19.17 3.38
C TYR A 83 -13.34 -18.90 2.61
N GLU A 84 -13.19 -18.31 1.43
CA GLU A 84 -14.29 -17.92 0.56
C GLU A 84 -13.70 -17.55 -0.79
N GLY A 85 -14.58 -17.41 -1.77
CA GLY A 85 -14.18 -17.22 -3.16
C GLY A 85 -14.60 -18.35 -4.08
N VAL A 86 -15.22 -19.41 -3.55
CA VAL A 86 -15.76 -20.49 -4.37
C VAL A 86 -17.10 -20.11 -4.98
N ASN A 87 -17.65 -18.96 -4.62
CA ASN A 87 -19.00 -18.61 -5.06
C ASN A 87 -19.00 -17.58 -6.18
N PHE A 88 -17.86 -17.33 -6.80
CA PHE A 88 -17.79 -16.50 -8.00
C PHE A 88 -16.56 -16.96 -8.77
N ASN A 89 -16.77 -17.75 -9.80
CA ASN A 89 -15.70 -18.42 -10.54
C ASN A 89 -15.98 -18.31 -12.04
N PRO A 90 -15.09 -18.81 -12.91
CA PRO A 90 -15.51 -19.07 -14.29
C PRO A 90 -16.57 -20.15 -14.44
N TYR A 91 -16.90 -20.91 -13.38
CA TYR A 91 -18.00 -21.85 -13.40
C TYR A 91 -19.37 -21.16 -13.47
N HIS A 92 -19.46 -19.91 -13.02
CA HIS A 92 -20.75 -19.21 -12.99
C HIS A 92 -21.08 -18.50 -14.29
N ARG A 93 -20.07 -18.20 -15.11
CA ARG A 93 -20.22 -17.63 -16.47
C ARG A 93 -20.95 -16.29 -16.46
N PHE A 94 -20.66 -15.44 -15.47
CA PHE A 94 -21.41 -14.20 -15.32
C PHE A 94 -20.96 -13.17 -16.35
N LYS A 95 -21.93 -12.59 -17.04
CA LYS A 95 -21.69 -11.49 -17.97
C LYS A 95 -22.78 -10.45 -17.74
N CYS A 96 -22.89 -9.50 -18.66
CA CYS A 96 -24.00 -8.56 -18.68
C CYS A 96 -24.70 -8.48 -20.02
N PHE A 97 -24.05 -8.75 -21.14
CA PHE A 97 -24.74 -8.67 -22.46
C PHE A 97 -23.91 -9.62 -23.30
N PRO A 98 -24.44 -10.77 -24.10
CA PRO A 98 -23.78 -11.97 -24.67
C PRO A 98 -22.54 -11.68 -25.51
N ASN A 99 -22.29 -10.43 -25.87
CA ASN A 99 -21.03 -10.08 -26.51
C ASN A 99 -19.92 -9.78 -25.52
N GLY A 100 -20.22 -9.80 -24.22
CA GLY A 100 -19.25 -9.49 -23.19
C GLY A 100 -18.42 -10.70 -22.81
N SER A 101 -17.91 -10.68 -21.59
CA SER A 101 -17.02 -11.74 -21.11
C SER A 101 -16.98 -11.72 -19.60
N ASN A 102 -16.41 -12.80 -19.03
CA ASN A 102 -16.23 -12.90 -17.59
C ASN A 102 -14.78 -12.79 -17.15
N ASP A 103 -13.83 -12.70 -18.07
CA ASP A 103 -12.44 -12.51 -17.67
C ASP A 103 -12.22 -11.14 -17.03
N VAL A 104 -12.95 -10.13 -17.50
CA VAL A 104 -12.90 -8.84 -16.82
C VAL A 104 -13.62 -8.91 -15.47
N TRP A 105 -14.55 -9.86 -15.29
CA TRP A 105 -15.08 -10.08 -13.96
C TRP A 105 -14.07 -10.78 -13.06
N LEU A 106 -13.21 -11.61 -13.63
CA LEU A 106 -12.14 -12.20 -12.82
C LEU A 106 -11.09 -11.15 -12.48
N LEU A 107 -10.84 -10.19 -13.38
CA LEU A 107 -9.99 -9.06 -13.03
C LEU A 107 -10.61 -8.18 -11.95
N ASN A 108 -11.94 -8.02 -12.00
CA ASN A 108 -12.65 -7.31 -10.93
C ASN A 108 -12.52 -8.04 -9.61
N LYS A 109 -12.57 -9.36 -9.64
CA LYS A 109 -12.38 -10.16 -8.43
C LYS A 109 -10.96 -10.03 -7.88
N VAL A 110 -9.96 -10.02 -8.76
CA VAL A 110 -8.57 -9.82 -8.35
C VAL A 110 -8.39 -8.45 -7.69
N ARG A 111 -8.95 -7.40 -8.30
CA ARG A 111 -8.80 -6.07 -7.74
C ARG A 111 -9.54 -5.90 -6.42
N PHE A 112 -10.73 -6.51 -6.31
CA PHE A 112 -11.49 -6.44 -5.07
C PHE A 112 -10.78 -7.15 -3.94
N TYR A 113 -10.30 -8.37 -4.18
CA TYR A 113 -9.63 -9.06 -3.09
C TYR A 113 -8.27 -8.44 -2.79
N ARG A 114 -7.61 -7.83 -3.76
CA ARG A 114 -6.36 -7.12 -3.47
C ARG A 114 -6.61 -5.94 -2.53
N ALA A 115 -7.66 -5.15 -2.82
CA ALA A 115 -8.01 -4.04 -1.92
C ALA A 115 -8.44 -4.55 -0.56
N LEU A 116 -9.15 -5.68 -0.52
CA LEU A 116 -9.65 -6.24 0.74
C LEU A 116 -8.52 -6.74 1.63
N TYR A 117 -7.55 -7.48 1.07
CA TYR A 117 -6.42 -7.93 1.88
C TYR A 117 -5.53 -6.76 2.30
N SER A 118 -5.36 -5.77 1.40
CA SER A 118 -4.51 -4.64 1.70
C SER A 118 -5.10 -3.76 2.81
N ASN A 119 -6.43 -3.70 2.92
CA ASN A 119 -6.98 -2.94 4.03
C ASN A 119 -7.16 -3.78 5.28
N MET A 120 -7.51 -5.06 5.17
CA MET A 120 -7.67 -5.90 6.35
C MET A 120 -6.36 -6.29 7.00
N ALA A 121 -5.22 -6.05 6.35
CA ALA A 121 -3.96 -6.26 7.05
C ALA A 121 -3.71 -5.21 8.12
N PHE A 122 -4.42 -4.08 8.07
CA PHE A 122 -4.19 -2.97 8.98
C PHE A 122 -5.33 -2.69 9.93
N PHE A 123 -6.57 -2.92 9.50
CA PHE A 123 -7.74 -2.75 10.35
C PHE A 123 -8.15 -4.11 10.91
N ARG A 124 -9.08 -4.10 11.86
CA ARG A 124 -9.50 -5.35 12.45
C ARG A 124 -11.00 -5.60 12.35
N TYR A 125 -11.81 -4.55 12.24
CA TYR A 125 -13.25 -4.71 12.15
C TYR A 125 -13.68 -4.63 10.70
N LEU A 126 -14.61 -5.48 10.30
CA LEU A 126 -15.11 -5.51 8.93
C LEU A 126 -16.60 -5.73 8.95
N THR A 127 -17.34 -4.86 8.26
CA THR A 127 -18.76 -5.09 8.03
C THR A 127 -19.15 -4.40 6.75
N PHE A 128 -20.34 -4.74 6.24
CA PHE A 128 -20.91 -4.08 5.08
C PHE A 128 -21.86 -2.99 5.53
N VAL A 129 -21.80 -1.84 4.86
CA VAL A 129 -22.73 -0.75 5.12
C VAL A 129 -23.44 -0.42 3.82
N ASP A 130 -24.58 0.26 3.96
CA ASP A 130 -25.36 0.69 2.81
C ASP A 130 -25.04 2.15 2.50
N ILE A 131 -25.40 2.54 1.28
CA ILE A 131 -25.28 3.93 0.88
C ILE A 131 -26.68 4.51 0.72
N PRO A 132 -27.17 5.29 1.66
CA PRO A 132 -28.52 5.84 1.55
C PRO A 132 -28.58 7.00 0.57
N TYR A 133 -29.77 7.18 0.00
CA TYR A 133 -30.02 8.28 -0.93
C TYR A 133 -31.42 8.81 -0.67
N ASN A 134 -31.90 9.63 -1.60
CA ASN A 134 -33.31 10.00 -1.63
C ASN A 134 -34.09 8.94 -2.40
N VAL A 135 -35.37 9.21 -2.63
CA VAL A 135 -36.16 8.38 -3.56
C VAL A 135 -36.02 9.04 -4.92
N SER A 136 -34.93 8.70 -5.59
CA SER A 136 -34.63 9.19 -6.93
C SER A 136 -35.18 8.18 -7.95
N LEU A 137 -34.74 8.29 -9.20
CA LEU A 137 -34.84 7.15 -10.11
C LEU A 137 -34.13 5.96 -9.49
N SER A 138 -34.88 4.90 -9.21
CA SER A 138 -34.42 3.86 -8.30
C SER A 138 -33.29 3.04 -8.91
N LYS A 139 -33.58 2.35 -10.01
CA LYS A 139 -32.60 1.51 -10.69
C LYS A 139 -32.63 1.81 -12.17
N PHE A 140 -31.77 1.11 -12.92
CA PHE A 140 -31.86 1.04 -14.37
C PHE A 140 -31.18 -0.26 -14.78
N ASN A 141 -31.95 -1.18 -15.35
CA ASN A 141 -31.46 -2.53 -15.62
C ASN A 141 -30.53 -2.48 -16.83
N SER A 142 -29.22 -2.42 -16.55
CA SER A 142 -28.21 -2.49 -17.59
C SER A 142 -27.51 -3.84 -17.66
N CYS A 143 -27.50 -4.60 -16.58
CA CYS A 143 -26.82 -5.89 -16.53
C CYS A 143 -27.75 -6.95 -15.95
N LYS A 144 -27.69 -8.15 -16.53
CA LYS A 144 -28.56 -9.26 -16.18
C LYS A 144 -27.93 -10.54 -16.71
N SER A 145 -28.01 -11.62 -15.94
CA SER A 145 -27.48 -12.88 -16.40
C SER A 145 -28.30 -14.10 -15.98
N ASP A 146 -29.48 -13.90 -15.38
CA ASP A 146 -30.49 -14.91 -15.02
C ASP A 146 -30.04 -15.81 -13.86
N ILE A 147 -28.82 -15.64 -13.37
CA ILE A 147 -28.32 -16.43 -12.25
C ILE A 147 -27.79 -15.49 -11.18
N LEU A 148 -27.38 -14.29 -11.60
CA LEU A 148 -26.93 -13.24 -10.68
C LEU A 148 -27.43 -11.90 -11.18
N SER A 149 -27.97 -11.10 -10.26
CA SER A 149 -28.40 -9.74 -10.57
C SER A 149 -27.81 -8.81 -9.53
N LEU A 150 -27.06 -7.82 -9.98
CA LEU A 150 -26.33 -6.93 -9.09
C LEU A 150 -27.12 -5.67 -8.82
N ASN A 151 -26.94 -5.15 -7.61
CA ASN A 151 -27.43 -3.83 -7.25
C ASN A 151 -26.30 -2.82 -7.02
N ASN A 152 -25.10 -3.29 -6.75
CA ASN A 152 -23.96 -2.41 -6.54
C ASN A 152 -23.09 -2.44 -7.77
N PRO A 153 -23.01 -1.36 -8.57
CA PRO A 153 -23.56 -0.02 -8.38
C PRO A 153 -24.92 0.27 -9.04
N ILE A 154 -25.59 1.30 -8.53
CA ILE A 154 -26.83 1.80 -9.11
C ILE A 154 -26.52 2.53 -10.41
N PHE A 155 -27.39 2.39 -11.40
CA PHE A 155 -27.33 3.16 -12.64
C PHE A 155 -28.52 4.12 -12.70
N ILE A 156 -28.25 5.40 -12.94
CA ILE A 156 -29.25 6.46 -12.92
C ILE A 156 -28.98 7.41 -14.07
N ASN A 157 -30.04 7.86 -14.75
CA ASN A 157 -29.92 8.97 -15.70
C ASN A 157 -29.45 10.23 -14.97
N TYR A 158 -28.36 10.81 -15.46
CA TYR A 158 -27.52 11.71 -14.67
C TYR A 158 -28.17 13.00 -14.20
N SER A 159 -28.35 13.96 -15.11
CA SER A 159 -29.15 15.19 -14.97
C SER A 159 -28.72 16.18 -13.89
N LYS A 160 -27.79 15.81 -13.01
CA LYS A 160 -27.33 16.60 -11.85
C LYS A 160 -26.24 15.82 -11.13
N GLU A 161 -25.63 16.46 -10.14
CA GLU A 161 -24.61 15.85 -9.31
C GLU A 161 -25.23 15.38 -8.00
N VAL A 162 -25.18 14.07 -7.77
CA VAL A 162 -25.79 13.47 -6.59
C VAL A 162 -24.80 13.61 -5.43
N TYR A 163 -25.26 13.37 -4.21
CA TYR A 163 -24.42 13.42 -3.02
C TYR A 163 -24.69 12.19 -2.17
N PHE A 164 -23.65 11.72 -1.49
CA PHE A 164 -23.83 10.71 -0.45
C PHE A 164 -22.77 10.90 0.61
N THR A 165 -23.17 10.75 1.87
CA THR A 165 -22.28 10.96 2.99
C THR A 165 -21.83 9.63 3.58
N LEU A 166 -20.71 9.68 4.29
CA LEU A 166 -20.16 8.51 4.95
C LEU A 166 -19.64 8.93 6.31
N LEU A 167 -20.19 8.34 7.37
CA LEU A 167 -19.76 8.66 8.72
C LEU A 167 -19.85 7.40 9.56
N GLY A 168 -19.29 7.47 10.76
CA GLY A 168 -19.31 6.38 11.70
C GLY A 168 -18.11 5.45 11.63
N CYS A 169 -17.65 5.14 10.41
CA CYS A 169 -16.55 4.21 10.24
C CYS A 169 -15.22 4.94 10.23
N SER A 170 -14.17 4.25 9.80
CA SER A 170 -12.84 4.82 9.69
C SER A 170 -12.24 4.74 8.30
N LEU A 171 -12.62 3.74 7.50
CA LEU A 171 -12.09 3.56 6.15
C LEU A 171 -13.07 2.67 5.41
N TYR A 172 -13.45 3.08 4.21
CA TYR A 172 -14.48 2.40 3.44
C TYR A 172 -13.87 1.70 2.23
N LEU A 173 -14.73 1.09 1.42
CA LEU A 173 -14.30 0.48 0.16
C LEU A 173 -15.50 0.50 -0.78
N VAL A 174 -15.56 1.48 -1.67
CA VAL A 174 -16.70 1.57 -2.57
C VAL A 174 -16.22 1.18 -3.96
N PRO A 175 -17.10 0.76 -4.86
CA PRO A 175 -16.67 0.51 -6.24
C PRO A 175 -16.88 1.75 -7.10
N LEU A 176 -16.24 1.72 -8.27
CA LEU A 176 -16.36 2.79 -9.25
C LEU A 176 -16.32 2.12 -10.62
N CYS A 177 -17.49 1.86 -11.19
CA CYS A 177 -17.64 0.93 -12.28
C CYS A 177 -18.21 1.62 -13.52
N LEU A 178 -17.74 1.22 -14.70
CA LEU A 178 -18.21 1.77 -15.97
C LEU A 178 -18.17 0.66 -17.01
N PHE A 179 -18.97 0.82 -18.08
CA PHE A 179 -19.01 -0.23 -19.12
C PHE A 179 -17.96 0.02 -20.20
N LYS A 180 -18.18 1.05 -21.01
CA LYS A 180 -17.32 1.42 -22.15
C LYS A 180 -17.68 2.84 -22.50
N SER A 181 -16.74 3.76 -22.38
CA SER A 181 -17.03 5.16 -22.66
C SER A 181 -15.75 5.88 -23.05
N ASN A 182 -15.88 7.19 -23.25
CA ASN A 182 -14.76 8.11 -23.25
C ASN A 182 -14.88 9.09 -22.10
N PHE A 183 -15.80 8.84 -21.18
CA PHE A 183 -16.15 9.77 -20.13
C PHE A 183 -15.46 9.33 -18.84
N SER A 184 -15.70 10.04 -17.75
CA SER A 184 -14.92 9.84 -16.54
C SER A 184 -15.77 10.21 -15.34
N GLN A 185 -16.13 9.20 -14.55
CA GLN A 185 -16.90 9.42 -13.33
C GLN A 185 -15.96 9.77 -12.18
N TYR A 186 -16.41 10.64 -11.29
CA TYR A 186 -15.59 11.09 -10.18
C TYR A 186 -16.36 11.00 -8.87
N TYR A 187 -15.62 10.84 -7.77
CA TYR A 187 -16.18 10.81 -6.43
C TYR A 187 -15.59 11.93 -5.60
N TYR A 188 -15.66 13.16 -6.13
CA TYR A 188 -15.09 14.35 -5.50
C TYR A 188 -15.56 14.54 -4.07
N ASN A 189 -14.60 14.78 -3.18
CA ASN A 189 -14.87 15.06 -1.78
C ASN A 189 -15.13 16.55 -1.60
N ILE A 190 -16.26 16.89 -0.99
CA ILE A 190 -16.61 18.29 -0.80
C ILE A 190 -15.76 18.90 0.32
N ASP A 191 -15.57 18.15 1.41
CA ASP A 191 -14.89 18.69 2.59
C ASP A 191 -13.40 18.87 2.36
N THR A 192 -12.70 17.79 2.05
CA THR A 192 -11.25 17.87 1.88
C THR A 192 -10.86 18.28 0.47
N GLY A 193 -11.34 17.57 -0.53
CA GLY A 193 -11.02 17.92 -1.90
C GLY A 193 -10.33 16.82 -2.66
N SER A 194 -10.23 15.64 -2.05
CA SER A 194 -9.59 14.51 -2.73
C SER A 194 -10.51 13.96 -3.80
N VAL A 195 -9.95 13.67 -4.96
CA VAL A 195 -10.70 13.27 -6.15
C VAL A 195 -10.33 11.83 -6.49
N TYR A 196 -11.34 11.00 -6.71
CA TYR A 196 -11.16 9.62 -7.12
C TYR A 196 -11.94 9.39 -8.40
N GLY A 197 -11.26 8.95 -9.45
CA GLY A 197 -11.90 8.80 -10.74
C GLY A 197 -11.48 7.53 -11.46
N PHE A 198 -12.23 7.19 -12.50
CA PHE A 198 -11.96 6.02 -13.31
C PHE A 198 -12.66 6.17 -14.65
N SER A 199 -12.01 5.67 -15.70
CA SER A 199 -12.61 5.56 -17.02
C SER A 199 -12.38 4.16 -17.55
N ASN A 200 -13.19 3.79 -18.54
CA ASN A 200 -13.07 2.48 -19.18
C ASN A 200 -12.95 2.71 -20.67
N VAL A 201 -11.82 2.31 -21.26
CA VAL A 201 -11.62 2.52 -22.69
C VAL A 201 -11.83 1.22 -23.44
N VAL A 202 -10.98 0.21 -23.19
CA VAL A 202 -11.09 -1.08 -23.87
C VAL A 202 -11.14 -2.15 -22.78
N TYR A 203 -12.35 -2.46 -22.31
CA TYR A 203 -12.74 -3.62 -21.52
C TYR A 203 -14.21 -3.82 -21.83
N PRO A 204 -14.61 -4.99 -22.35
CA PRO A 204 -15.95 -5.10 -22.95
C PRO A 204 -17.09 -5.05 -21.94
N ASP A 205 -16.98 -5.75 -20.82
CA ASP A 205 -18.05 -5.81 -19.86
C ASP A 205 -17.78 -4.78 -18.75
N LEU A 206 -18.56 -4.85 -17.67
CA LEU A 206 -18.59 -3.83 -16.62
C LEU A 206 -17.33 -3.93 -15.77
N ASP A 207 -16.37 -3.04 -16.02
CA ASP A 207 -15.10 -3.00 -15.32
C ASP A 207 -15.20 -2.13 -14.08
N CYS A 208 -14.51 -2.55 -13.01
CA CYS A 208 -14.58 -1.85 -11.73
C CYS A 208 -13.18 -1.66 -11.15
N ILE A 209 -13.05 -0.61 -10.33
CA ILE A 209 -11.93 -0.47 -9.41
C ILE A 209 -12.51 -0.14 -8.05
N TYR A 210 -11.72 -0.37 -7.01
CA TYR A 210 -12.20 -0.38 -5.63
C TYR A 210 -11.36 0.57 -4.81
N ILE A 211 -11.82 1.79 -4.66
CA ILE A 211 -11.09 2.81 -3.93
C ILE A 211 -11.40 2.69 -2.45
N SER A 212 -10.54 3.27 -1.63
CA SER A 212 -10.67 3.23 -0.18
C SER A 212 -10.96 4.64 0.31
N LEU A 213 -12.24 4.97 0.45
CA LEU A 213 -12.63 6.31 0.84
C LEU A 213 -12.47 6.51 2.35
N LYS A 214 -12.34 7.76 2.71
CA LYS A 214 -12.33 8.23 4.09
C LYS A 214 -13.74 8.69 4.46
N PRO A 215 -14.08 8.70 5.76
CA PRO A 215 -15.43 9.10 6.16
C PRO A 215 -15.71 10.58 5.98
N GLY A 216 -16.06 10.99 4.76
CA GLY A 216 -16.45 12.35 4.46
C GLY A 216 -17.77 12.39 3.74
N SER A 217 -17.97 13.45 2.96
CA SER A 217 -19.15 13.63 2.14
C SER A 217 -18.73 13.79 0.69
N TYR A 218 -19.29 12.98 -0.20
CA TYR A 218 -18.81 12.86 -1.56
C TYR A 218 -19.91 13.18 -2.55
N LYS A 219 -19.54 13.84 -3.64
CA LYS A 219 -20.43 14.08 -4.77
C LYS A 219 -19.95 13.28 -5.97
N VAL A 220 -20.85 13.03 -6.90
CA VAL A 220 -20.54 12.25 -8.09
C VAL A 220 -20.80 13.11 -9.32
N SER A 221 -19.80 13.21 -10.19
CA SER A 221 -19.92 13.94 -11.44
C SER A 221 -19.23 13.14 -12.53
N THR A 222 -19.89 12.97 -13.67
CA THR A 222 -19.34 12.08 -14.69
C THR A 222 -19.30 12.68 -16.09
N THR A 223 -20.22 13.61 -16.40
CA THR A 223 -20.53 14.09 -17.75
C THR A 223 -20.74 12.90 -18.70
N ALA A 224 -21.81 12.16 -18.40
CA ALA A 224 -22.14 10.93 -19.10
C ALA A 224 -23.65 10.76 -19.06
N PRO A 225 -24.22 9.94 -19.96
CA PRO A 225 -25.66 9.64 -19.85
C PRO A 225 -26.04 8.84 -18.61
N PHE A 226 -25.10 8.10 -18.01
CA PHE A 226 -25.41 7.26 -16.85
C PHE A 226 -24.29 7.39 -15.84
N LEU A 227 -24.57 8.02 -14.70
CA LEU A 227 -23.65 7.92 -13.58
C LEU A 227 -23.88 6.59 -12.89
N SER A 228 -22.79 5.96 -12.44
CA SER A 228 -22.83 4.60 -11.93
C SER A 228 -22.35 4.65 -10.49
N LEU A 229 -23.28 4.60 -9.55
CA LEU A 229 -23.02 5.01 -8.19
C LEU A 229 -23.33 3.89 -7.20
N PRO A 230 -22.54 3.74 -6.14
CA PRO A 230 -22.63 2.53 -5.32
C PRO A 230 -23.79 2.57 -4.35
N THR A 231 -24.16 1.39 -3.88
CA THR A 231 -25.16 1.26 -2.82
C THR A 231 -24.69 0.41 -1.65
N LYS A 232 -23.65 -0.41 -1.80
CA LYS A 232 -23.07 -1.16 -0.71
C LYS A 232 -21.57 -0.86 -0.64
N ALA A 233 -21.05 -0.87 0.57
CA ALA A 233 -19.64 -0.56 0.80
C ALA A 233 -19.19 -1.29 2.05
N LEU A 234 -17.89 -1.51 2.14
CA LEU A 234 -17.32 -2.14 3.32
C LEU A 234 -17.10 -1.09 4.41
N CYS A 235 -16.67 -1.55 5.58
CA CYS A 235 -16.39 -0.64 6.69
C CYS A 235 -15.26 -1.22 7.52
N PHE A 236 -14.15 -0.51 7.56
CA PHE A 236 -12.98 -0.93 8.31
C PHE A 236 -12.85 -0.03 9.54
N ASP A 237 -12.86 -0.63 10.73
CA ASP A 237 -12.78 0.11 11.96
C ASP A 237 -11.66 -0.44 12.83
N LYS A 238 -11.30 0.36 13.85
CA LYS A 238 -10.36 0.01 14.91
C LYS A 238 -8.99 -0.36 14.33
N SER A 239 -8.34 0.67 13.79
CA SER A 239 -7.02 0.51 13.18
C SER A 239 -6.00 -0.02 14.18
N LYS A 240 -5.35 -1.12 13.81
CA LYS A 240 -4.43 -1.82 14.69
C LYS A 240 -3.05 -1.86 14.05
N GLN A 241 -2.12 -2.47 14.79
CA GLN A 241 -0.78 -2.72 14.28
C GLN A 241 -0.84 -3.84 13.24
N PHE A 242 0.07 -3.77 12.26
CA PHE A 242 0.08 -4.59 11.06
C PHE A 242 0.11 -6.10 11.31
N VAL A 243 -0.98 -6.79 10.97
CA VAL A 243 -1.06 -8.24 11.09
C VAL A 243 -1.55 -8.78 9.75
N PRO A 244 -0.82 -9.68 9.10
CA PRO A 244 -1.21 -10.13 7.76
C PRO A 244 -2.45 -11.02 7.78
N VAL A 245 -3.06 -11.13 6.60
CA VAL A 245 -4.33 -11.83 6.44
C VAL A 245 -4.08 -13.13 5.71
N GLN A 246 -4.55 -14.24 6.28
CA GLN A 246 -4.28 -15.56 5.74
C GLN A 246 -5.40 -16.00 4.81
N VAL A 247 -5.03 -16.77 3.78
CA VAL A 247 -5.96 -17.26 2.77
C VAL A 247 -5.85 -18.77 2.75
N VAL A 248 -6.99 -19.44 2.55
CA VAL A 248 -7.01 -20.82 2.11
C VAL A 248 -7.63 -20.82 0.73
N ASP A 249 -7.07 -21.61 -0.18
CA ASP A 249 -7.46 -21.58 -1.60
C ASP A 249 -8.86 -22.17 -1.75
N SER A 250 -9.86 -21.32 -1.87
CA SER A 250 -11.26 -21.74 -1.93
C SER A 250 -11.66 -21.93 -3.39
N ARG A 251 -11.65 -23.18 -3.86
CA ARG A 251 -11.93 -23.47 -5.26
C ARG A 251 -12.88 -24.66 -5.36
N TRP A 252 -13.36 -24.91 -6.57
CA TRP A 252 -14.27 -26.02 -6.84
C TRP A 252 -13.48 -27.33 -6.95
N ASN A 253 -14.15 -28.37 -7.44
CA ASN A 253 -13.47 -29.58 -7.87
C ASN A 253 -13.01 -29.40 -9.31
N ASN A 254 -12.05 -30.23 -9.72
CA ASN A 254 -11.39 -30.06 -11.01
C ASN A 254 -12.30 -30.37 -12.19
N GLU A 255 -13.41 -31.10 -11.98
CA GLU A 255 -14.39 -31.25 -13.04
C GLU A 255 -15.14 -29.94 -13.31
N ARG A 256 -15.21 -29.06 -12.33
CA ARG A 256 -15.75 -27.73 -12.53
C ARG A 256 -14.61 -26.75 -12.75
N ALA A 257 -14.95 -25.49 -13.02
CA ALA A 257 -13.95 -24.49 -13.32
C ALA A 257 -13.28 -24.00 -12.04
N SER A 258 -12.18 -23.28 -12.22
CA SER A 258 -11.46 -22.68 -11.11
C SER A 258 -10.78 -21.41 -11.63
N ASP A 259 -9.93 -20.82 -10.80
CA ASP A 259 -9.20 -19.62 -11.17
C ASP A 259 -7.93 -19.56 -10.32
N ILE A 260 -7.16 -18.49 -10.53
CA ILE A 260 -5.96 -18.22 -9.75
C ILE A 260 -6.06 -16.87 -9.04
N SER A 261 -7.29 -16.38 -8.86
CA SER A 261 -7.48 -15.00 -8.42
C SER A 261 -7.09 -14.79 -6.97
N LEU A 262 -7.34 -15.78 -6.11
CA LEU A 262 -6.98 -15.65 -4.71
C LEU A 262 -5.48 -15.81 -4.48
N SER A 263 -4.71 -16.24 -5.47
CA SER A 263 -3.26 -16.24 -5.38
C SER A 263 -2.63 -15.03 -6.04
N VAL A 264 -3.29 -14.46 -7.04
CA VAL A 264 -2.80 -13.21 -7.64
C VAL A 264 -3.06 -12.05 -6.68
N ALA A 265 -4.22 -12.04 -6.04
CA ALA A 265 -4.56 -10.96 -5.11
C ALA A 265 -3.78 -11.05 -3.81
N CYS A 266 -3.27 -12.22 -3.45
CA CYS A 266 -2.56 -12.40 -2.19
C CYS A 266 -1.06 -12.32 -2.46
N GLN A 267 -0.49 -11.14 -2.22
CA GLN A 267 0.93 -10.90 -2.39
C GLN A 267 1.56 -10.50 -1.06
N LEU A 268 2.87 -10.67 -0.98
CA LEU A 268 3.61 -10.28 0.22
C LEU A 268 3.69 -8.76 0.33
N PRO A 269 3.82 -8.21 1.55
CA PRO A 269 3.91 -8.79 2.90
C PRO A 269 2.58 -8.93 3.61
N TYR A 270 1.53 -8.38 3.02
CA TYR A 270 0.25 -8.23 3.69
C TYR A 270 -0.58 -9.50 3.70
N CYS A 271 -0.09 -10.60 3.16
CA CYS A 271 -0.98 -11.72 2.89
C CYS A 271 -0.18 -13.01 2.78
N TYR A 272 -0.71 -14.08 3.38
CA TYR A 272 -0.12 -15.41 3.30
C TYR A 272 -1.14 -16.35 2.68
N PHE A 273 -0.76 -17.02 1.61
CA PHE A 273 -1.65 -17.87 0.83
C PHE A 273 -1.35 -19.32 1.12
N ARG A 274 -2.36 -20.08 1.52
CA ARG A 274 -2.24 -21.49 1.80
C ARG A 274 -3.07 -22.27 0.80
N ASN A 275 -2.46 -23.28 0.18
CA ASN A 275 -3.10 -24.07 -0.85
C ASN A 275 -2.87 -25.54 -0.57
N SER A 276 -3.83 -26.36 -0.96
CA SER A 276 -3.67 -27.81 -0.88
C SER A 276 -2.78 -28.28 -2.02
N SER A 277 -1.95 -29.28 -1.73
CA SER A 277 -1.05 -29.80 -2.76
C SER A 277 -1.81 -30.66 -3.77
N ALA A 278 -2.66 -31.56 -3.27
CA ALA A 278 -3.38 -32.48 -4.13
C ALA A 278 -4.66 -31.83 -4.65
N ASN A 279 -5.52 -32.65 -5.24
CA ASN A 279 -6.78 -32.17 -5.82
C ASN A 279 -7.84 -32.02 -4.72
N TYR A 280 -9.08 -31.84 -5.13
CA TYR A 280 -10.20 -31.63 -4.23
C TYR A 280 -11.16 -32.80 -4.35
N VAL A 281 -11.15 -33.69 -3.36
CA VAL A 281 -12.01 -34.87 -3.33
C VAL A 281 -12.92 -34.75 -2.13
N GLY A 282 -14.20 -34.50 -2.37
CA GLY A 282 -15.14 -34.25 -1.30
C GLY A 282 -15.56 -35.49 -0.55
N LYS A 283 -16.24 -35.27 0.57
CA LYS A 283 -16.75 -36.35 1.42
C LYS A 283 -18.27 -36.34 1.54
N TYR A 284 -18.86 -35.20 1.91
CA TYR A 284 -20.31 -35.08 1.99
C TYR A 284 -20.95 -35.20 0.62
N ASP A 285 -20.35 -34.54 -0.36
CA ASP A 285 -20.69 -34.69 -1.77
C ASP A 285 -19.41 -34.46 -2.54
N ILE A 286 -19.54 -34.11 -3.82
CA ILE A 286 -18.39 -33.79 -4.64
C ILE A 286 -17.65 -32.57 -4.09
N ASN A 287 -18.39 -31.56 -3.62
CA ASN A 287 -17.82 -30.25 -3.33
C ASN A 287 -17.93 -29.86 -1.86
N HIS A 288 -17.79 -30.81 -0.94
CA HIS A 288 -17.69 -30.49 0.49
C HIS A 288 -16.78 -31.51 1.16
N GLY A 289 -15.86 -31.03 1.99
CA GLY A 289 -15.10 -31.92 2.85
C GLY A 289 -13.94 -32.66 2.21
N ASP A 290 -12.92 -31.94 1.77
CA ASP A 290 -11.69 -32.58 1.34
C ASP A 290 -10.77 -32.77 2.53
N SER A 291 -10.04 -33.89 2.54
CA SER A 291 -9.17 -34.22 3.65
C SER A 291 -7.97 -33.28 3.74
N GLY A 292 -7.47 -32.82 2.58
CA GLY A 292 -6.35 -31.88 2.60
C GLY A 292 -6.75 -30.52 3.15
N PHE A 293 -7.97 -30.07 2.83
CA PHE A 293 -8.43 -28.81 3.40
C PHE A 293 -8.86 -28.95 4.85
N ILE A 294 -9.24 -30.15 5.29
CA ILE A 294 -9.38 -30.40 6.72
C ILE A 294 -8.03 -30.30 7.40
N SER A 295 -6.98 -30.83 6.75
CA SER A 295 -5.62 -30.70 7.28
C SER A 295 -5.15 -29.25 7.31
N ILE A 296 -5.60 -28.44 6.35
CA ILE A 296 -5.24 -27.02 6.36
C ILE A 296 -6.00 -26.29 7.47
N LEU A 297 -7.32 -26.42 7.50
CA LEU A 297 -8.14 -25.68 8.45
C LEU A 297 -8.04 -26.21 9.87
N SER A 298 -7.41 -27.36 10.10
CA SER A 298 -7.28 -27.89 11.44
C SER A 298 -6.31 -27.11 12.32
N GLY A 299 -5.53 -26.20 11.74
CA GLY A 299 -4.62 -25.40 12.53
C GLY A 299 -5.28 -24.36 13.41
N LEU A 300 -6.57 -24.10 13.21
CA LEU A 300 -7.31 -23.16 14.04
C LEU A 300 -7.50 -23.67 15.47
N LEU A 301 -7.37 -24.98 15.68
CA LEU A 301 -7.68 -25.62 16.95
C LEU A 301 -6.64 -25.39 18.02
N TYR A 302 -5.52 -24.75 17.71
CA TYR A 302 -4.43 -24.65 18.66
C TYR A 302 -3.58 -23.43 18.37
N ASN A 303 -3.05 -22.83 19.42
CA ASN A 303 -2.13 -21.71 19.29
C ASN A 303 -0.83 -22.18 18.68
N VAL A 304 -0.15 -21.27 17.98
CA VAL A 304 1.17 -21.51 17.42
C VAL A 304 2.10 -20.40 17.88
N SER A 305 3.33 -20.45 17.41
CA SER A 305 4.33 -19.44 17.75
C SER A 305 4.64 -18.51 16.59
N CYS A 306 4.88 -19.07 15.41
CA CYS A 306 5.30 -18.27 14.27
C CYS A 306 4.36 -18.52 13.10
N ILE A 307 4.30 -17.54 12.19
CA ILE A 307 3.56 -17.65 10.94
C ILE A 307 4.47 -17.15 9.84
N SER A 308 4.81 -18.03 8.90
CA SER A 308 5.77 -17.71 7.86
C SER A 308 5.16 -17.91 6.49
N TYR A 309 5.91 -17.50 5.47
CA TYR A 309 5.46 -17.65 4.09
C TYR A 309 5.52 -19.10 3.63
N TYR A 310 6.40 -19.91 4.24
CA TYR A 310 6.55 -21.30 3.85
C TYR A 310 5.76 -22.27 4.71
N GLY A 311 5.32 -21.84 5.88
CA GLY A 311 4.56 -22.71 6.76
C GLY A 311 4.32 -22.03 8.09
N VAL A 312 3.66 -22.75 8.96
CA VAL A 312 3.34 -22.27 10.31
C VAL A 312 4.11 -23.11 11.31
N PHE A 313 4.79 -22.45 12.23
CA PHE A 313 5.67 -23.12 13.19
C PHE A 313 5.00 -23.19 14.55
N LEU A 314 4.97 -24.39 15.13
CA LEU A 314 4.30 -24.59 16.41
C LEU A 314 5.19 -24.21 17.58
N TYR A 315 6.33 -24.85 17.71
CA TYR A 315 7.28 -24.56 18.77
C TYR A 315 8.33 -23.57 18.28
N ASP A 316 9.02 -22.96 19.25
CA ASP A 316 9.97 -21.90 18.96
C ASP A 316 11.36 -22.20 19.52
N ASN A 317 11.75 -23.48 19.58
CA ASN A 317 13.14 -23.80 19.91
C ASN A 317 14.03 -23.55 18.70
N PHE A 318 13.83 -24.37 17.66
CA PHE A 318 14.64 -24.39 16.46
C PHE A 318 13.75 -24.90 15.34
N THR A 319 14.29 -24.85 14.12
CA THR A 319 13.62 -25.42 12.96
C THR A 319 14.65 -25.68 11.87
N SER A 320 14.19 -26.34 10.81
CA SER A 320 15.11 -26.73 9.73
C SER A 320 15.37 -25.58 8.77
N ILE A 321 14.33 -25.11 8.09
CA ILE A 321 14.50 -24.05 7.11
C ILE A 321 14.23 -22.71 7.79
N TRP A 322 14.79 -21.65 7.21
CA TRP A 322 14.65 -20.33 7.80
C TRP A 322 13.25 -19.78 7.53
N PRO A 323 12.58 -19.24 8.53
CA PRO A 323 11.28 -18.60 8.28
C PRO A 323 11.45 -17.27 7.56
N TYR A 324 11.20 -17.27 6.26
CA TYR A 324 11.24 -16.04 5.47
C TYR A 324 9.88 -15.38 5.53
N TYR A 325 9.88 -14.06 5.75
CA TYR A 325 8.68 -13.25 5.94
C TYR A 325 7.84 -13.80 7.09
N SER A 326 8.51 -14.00 8.22
CA SER A 326 7.91 -14.57 9.40
C SER A 326 7.03 -13.54 10.12
N PHE A 327 6.29 -14.00 11.11
CA PHE A 327 5.42 -13.12 11.87
C PHE A 327 5.22 -13.70 13.26
N GLY A 328 5.64 -12.95 14.28
CA GLY A 328 5.44 -13.36 15.65
C GLY A 328 6.69 -13.91 16.32
N ARG A 329 6.49 -14.78 17.31
CA ARG A 329 7.58 -15.38 18.06
C ARG A 329 8.14 -16.52 17.22
N CYS A 330 9.30 -16.30 16.60
CA CYS A 330 9.68 -17.24 15.56
C CYS A 330 10.99 -17.93 15.85
N PRO A 331 11.10 -19.23 15.59
CA PRO A 331 12.33 -19.96 15.87
C PRO A 331 13.41 -19.67 14.84
N THR A 332 14.61 -20.16 15.14
CA THR A 332 15.78 -20.00 14.31
C THR A 332 16.21 -21.33 13.72
N SER A 333 17.23 -21.28 12.85
CA SER A 333 17.77 -22.48 12.24
C SER A 333 19.28 -22.59 12.42
N SER A 334 19.89 -21.67 13.16
CA SER A 334 21.32 -21.78 13.45
C SER A 334 21.57 -22.89 14.46
N ILE A 335 22.65 -23.63 14.26
CA ILE A 335 22.95 -24.77 15.11
C ILE A 335 23.52 -24.31 16.45
N ASN B 4 23.71 -11.73 23.14
CA ASN B 4 23.28 -10.94 21.99
C ASN B 4 22.38 -9.80 22.48
N GLU B 5 22.26 -8.75 21.66
CA GLU B 5 21.54 -7.55 22.07
C GLU B 5 21.08 -6.83 20.82
N PRO B 6 19.87 -6.29 20.78
CA PRO B 6 19.46 -5.46 19.64
C PRO B 6 20.23 -4.15 19.61
N LEU B 7 20.64 -3.75 18.42
CA LEU B 7 21.51 -2.61 18.21
C LEU B 7 20.76 -1.50 17.49
N ASN B 8 21.03 -0.25 17.87
CA ASN B 8 20.41 0.90 17.23
C ASN B 8 21.25 1.38 16.04
N VAL B 9 21.36 0.51 15.04
CA VAL B 9 22.17 0.78 13.85
C VAL B 9 21.29 0.60 12.62
N VAL B 10 21.87 0.91 11.47
CA VAL B 10 21.35 0.52 10.17
C VAL B 10 22.41 -0.35 9.49
N SER B 11 21.97 -1.42 8.85
CA SER B 11 22.93 -2.40 8.37
C SER B 11 22.36 -3.05 7.11
N HIS B 12 22.92 -4.21 6.75
CA HIS B 12 22.54 -4.92 5.55
C HIS B 12 22.83 -6.39 5.75
N LEU B 13 22.15 -7.22 4.95
CA LEU B 13 22.28 -8.67 5.09
C LEU B 13 23.30 -9.28 4.16
N ASN B 14 23.68 -8.59 3.09
CA ASN B 14 24.62 -9.14 2.11
C ASN B 14 25.40 -7.98 1.50
N HIS B 15 26.03 -8.22 0.37
CA HIS B 15 26.84 -7.22 -0.33
C HIS B 15 26.02 -6.29 -1.19
N ASP B 16 24.70 -6.35 -1.13
CA ASP B 16 23.81 -5.59 -2.00
C ASP B 16 23.00 -4.64 -1.12
N TRP B 17 23.51 -3.44 -0.93
CA TRP B 17 22.81 -2.40 -0.19
C TRP B 17 23.05 -1.08 -0.90
N PHE B 18 22.35 -0.04 -0.44
CA PHE B 18 22.59 1.29 -0.98
C PHE B 18 22.17 2.31 0.07
N LEU B 19 22.87 3.44 0.06
CA LEU B 19 22.59 4.55 0.98
C LEU B 19 22.30 5.81 0.18
N PHE B 20 21.24 6.51 0.54
CA PHE B 20 20.94 7.81 -0.04
C PHE B 20 21.33 8.87 0.99
N GLY B 21 22.49 9.48 0.79
CA GLY B 21 23.06 10.37 1.77
C GLY B 21 22.86 11.83 1.42
N ASP B 22 23.61 12.67 2.12
CA ASP B 22 23.58 14.12 1.99
C ASP B 22 24.98 14.62 2.29
N SER B 23 25.10 15.91 2.63
CA SER B 23 26.40 16.51 2.92
C SER B 23 27.06 15.93 4.16
N ARG B 24 26.30 15.33 5.06
CA ARG B 24 26.85 14.58 6.19
C ARG B 24 27.34 13.20 5.80
N SER B 25 27.18 12.81 4.53
CA SER B 25 27.66 11.53 4.04
C SER B 25 28.27 11.67 2.66
N ASP B 26 28.78 12.86 2.34
CA ASP B 26 29.26 13.17 1.01
C ASP B 26 30.78 13.13 0.99
N CYS B 27 31.34 12.20 0.22
CA CYS B 27 32.77 12.12 0.05
C CYS B 27 33.29 13.14 -0.97
N ASN B 28 32.40 13.83 -1.68
CA ASN B 28 32.78 14.90 -2.60
C ASN B 28 32.61 16.27 -1.96
N HIS B 29 32.22 16.30 -0.68
CA HIS B 29 32.06 17.57 0.02
C HIS B 29 33.38 18.11 0.53
N ILE B 30 34.42 17.28 0.58
CA ILE B 30 35.74 17.74 1.01
C ILE B 30 36.36 18.70 -0.01
N ASN B 31 35.94 18.64 -1.28
CA ASN B 31 36.48 19.52 -2.30
C ASN B 31 35.87 20.92 -2.27
N ASN B 32 35.00 21.20 -1.31
CA ASN B 32 34.42 22.54 -1.16
C ASN B 32 34.49 23.04 0.28
N LEU B 33 35.28 22.39 1.14
CA LEU B 33 35.44 22.80 2.52
C LEU B 33 36.76 23.55 2.71
N LYS B 34 36.94 24.05 3.93
CA LYS B 34 38.19 24.68 4.34
C LYS B 34 39.09 23.71 5.08
N ILE B 35 38.59 23.11 6.15
CA ILE B 35 39.30 22.05 6.86
C ILE B 35 39.02 20.75 6.10
N LYS B 36 39.99 20.30 5.31
CA LYS B 36 39.75 19.18 4.39
C LYS B 36 40.18 17.86 5.06
N ASN B 37 39.33 17.43 5.98
CA ASN B 37 39.48 16.15 6.66
C ASN B 37 38.19 15.34 6.49
N PHE B 38 38.13 14.19 7.17
CA PHE B 38 36.97 13.32 7.14
C PHE B 38 36.14 13.43 8.42
N ASP B 39 36.28 14.53 9.15
CA ASP B 39 35.63 14.67 10.45
C ASP B 39 34.21 15.19 10.37
N TYR B 40 33.67 15.36 9.16
CA TYR B 40 32.29 15.80 8.99
C TYR B 40 31.35 14.66 8.64
N LEU B 41 31.87 13.51 8.23
CA LEU B 41 31.03 12.39 7.85
C LEU B 41 30.42 11.74 9.08
N ASP B 42 29.13 11.43 8.99
CA ASP B 42 28.50 10.60 10.00
C ASP B 42 28.77 9.11 9.79
N ILE B 43 29.29 8.74 8.63
CA ILE B 43 29.60 7.37 8.32
C ILE B 43 31.08 7.14 8.60
N HIS B 44 31.48 5.88 8.64
CA HIS B 44 32.89 5.56 8.75
C HIS B 44 33.57 5.85 7.41
N PRO B 45 34.67 6.58 7.39
CA PRO B 45 35.17 7.17 6.14
C PRO B 45 35.86 6.20 5.19
N SER B 46 35.79 4.89 5.41
CA SER B 46 36.32 3.93 4.46
C SER B 46 35.25 3.46 3.46
N LEU B 47 34.15 4.18 3.36
CA LEU B 47 33.01 3.77 2.53
C LEU B 47 32.86 4.62 1.27
N CYS B 48 33.89 5.39 0.90
CA CYS B 48 33.75 6.31 -0.22
C CYS B 48 33.92 5.64 -1.56
N ASN B 49 34.68 4.54 -1.62
CA ASN B 49 35.01 3.90 -2.88
C ASN B 49 34.00 2.86 -3.32
N ASN B 50 32.85 2.78 -2.66
CA ASN B 50 31.90 1.72 -2.97
C ASN B 50 31.12 2.03 -4.24
N GLY B 51 30.63 3.25 -4.39
CA GLY B 51 29.57 3.52 -5.32
C GLY B 51 28.21 3.17 -4.79
N LYS B 52 28.12 2.69 -3.54
CA LYS B 52 26.87 2.35 -2.89
C LYS B 52 26.31 3.51 -2.09
N ILE B 53 26.84 4.71 -2.27
CA ILE B 53 26.38 5.90 -1.57
C ILE B 53 26.16 7.00 -2.59
N SER B 54 24.94 7.52 -2.64
CA SER B 54 24.63 8.73 -3.40
C SER B 54 24.36 9.85 -2.40
N SER B 55 25.06 10.96 -2.56
CA SER B 55 25.03 12.02 -1.56
C SER B 55 25.50 13.32 -2.18
N SER B 56 24.90 14.43 -1.77
CA SER B 56 25.18 15.73 -2.34
C SER B 56 25.37 16.75 -1.23
N ALA B 57 26.05 17.85 -1.57
CA ALA B 57 26.38 18.89 -0.61
C ALA B 57 25.14 19.72 -0.32
N GLY B 58 24.29 19.19 0.57
CA GLY B 58 23.11 19.91 1.01
C GLY B 58 21.90 19.73 0.12
N ASP B 59 21.59 18.47 -0.23
CA ASP B 59 20.42 18.12 -1.00
C ASP B 59 19.69 16.95 -0.35
N SER B 60 18.39 17.09 -0.14
CA SER B 60 17.54 15.97 0.17
C SER B 60 16.91 15.46 -1.11
N ILE B 61 16.03 14.46 -0.99
CA ILE B 61 15.34 13.96 -2.18
C ILE B 61 14.13 14.82 -2.49
N PHE B 62 13.50 15.40 -1.47
CA PHE B 62 12.38 16.31 -1.67
C PHE B 62 12.85 17.60 -2.32
N LYS B 63 13.95 18.16 -1.82
CA LYS B 63 14.50 19.41 -2.33
C LYS B 63 15.00 19.26 -3.75
N SER B 64 15.66 18.14 -4.05
CA SER B 64 16.06 17.86 -5.42
C SER B 64 14.88 17.55 -6.31
N PHE B 65 13.78 17.06 -5.73
CA PHE B 65 12.63 16.70 -6.53
C PHE B 65 11.81 17.91 -6.95
N HIS B 66 11.71 18.92 -6.10
CA HIS B 66 10.90 20.09 -6.47
C HIS B 66 11.70 21.26 -7.03
N PHE B 67 12.94 21.46 -6.60
CA PHE B 67 13.57 22.75 -6.75
C PHE B 67 14.71 22.70 -7.77
N THR B 68 15.19 23.89 -8.14
CA THR B 68 16.32 24.01 -9.04
C THR B 68 17.64 23.57 -8.41
N ARG B 69 17.73 23.59 -7.08
CA ARG B 69 18.88 23.05 -6.38
C ARG B 69 18.81 21.54 -6.50
N PHE B 70 19.46 21.00 -7.52
CA PHE B 70 19.19 19.65 -8.00
C PHE B 70 20.40 18.75 -7.86
N TYR B 71 20.14 17.49 -7.53
CA TYR B 71 21.14 16.44 -7.65
C TYR B 71 20.43 15.17 -8.12
N ASN B 72 20.87 14.63 -9.25
CA ASN B 72 20.29 13.41 -9.79
C ASN B 72 20.71 12.23 -8.95
N TYR B 73 19.89 11.86 -7.96
CA TYR B 73 20.12 10.65 -7.19
C TYR B 73 19.92 9.43 -8.07
N THR B 74 20.83 8.46 -7.94
CA THR B 74 20.74 7.23 -8.72
C THR B 74 21.26 6.09 -7.85
N GLY B 75 20.46 5.04 -7.70
CA GLY B 75 20.86 3.96 -6.83
C GLY B 75 20.18 2.66 -7.17
N GLU B 76 20.79 1.58 -6.70
CA GLU B 76 20.25 0.23 -6.87
C GLU B 76 20.74 -0.64 -5.74
N GLY B 77 19.83 -1.37 -5.11
CA GLY B 77 20.22 -2.27 -4.05
C GLY B 77 19.00 -2.95 -3.46
N ASP B 78 19.28 -4.05 -2.75
CA ASP B 78 18.20 -4.80 -2.10
C ASP B 78 17.77 -4.11 -0.81
N GLN B 79 18.66 -4.02 0.16
CA GLN B 79 18.39 -3.23 1.35
C GLN B 79 18.69 -1.77 1.06
N ILE B 80 17.76 -0.88 1.39
CA ILE B 80 17.91 0.53 1.09
C ILE B 80 17.88 1.31 2.41
N ILE B 81 18.86 2.19 2.59
CA ILE B 81 18.98 3.02 3.78
C ILE B 81 18.94 4.47 3.34
N PHE B 82 18.15 5.29 4.02
CA PHE B 82 18.16 6.73 3.74
C PHE B 82 18.87 7.47 4.86
N TYR B 83 19.64 8.48 4.49
CA TYR B 83 20.11 9.49 5.44
C TYR B 83 20.05 10.82 4.73
N GLU B 84 18.88 11.47 4.79
CA GLU B 84 18.60 12.74 4.15
C GLU B 84 17.28 13.26 4.70
N GLY B 85 16.99 14.52 4.42
CA GLY B 85 15.86 15.21 4.99
C GLY B 85 16.23 16.38 5.87
N VAL B 86 17.53 16.63 6.07
CA VAL B 86 17.99 17.80 6.81
C VAL B 86 17.97 19.05 5.95
N ASN B 87 17.68 18.92 4.67
CA ASN B 87 17.80 20.05 3.76
C ASN B 87 16.45 20.66 3.39
N PHE B 88 15.39 20.29 4.11
CA PHE B 88 14.09 20.95 3.96
C PHE B 88 13.38 20.78 5.30
N ASN B 89 13.37 21.83 6.10
CA ASN B 89 12.89 21.79 7.47
C ASN B 89 12.05 23.03 7.75
N PRO B 90 11.45 23.18 8.94
CA PRO B 90 10.98 24.51 9.34
C PRO B 90 12.09 25.54 9.55
N TYR B 91 13.36 25.14 9.51
CA TYR B 91 14.47 26.09 9.54
C TYR B 91 14.58 26.89 8.24
N HIS B 92 14.08 26.37 7.14
CA HIS B 92 14.21 27.05 5.86
C HIS B 92 13.10 28.06 5.57
N ARG B 93 11.95 27.93 6.26
CA ARG B 93 10.84 28.89 6.21
C ARG B 93 10.29 29.09 4.81
N PHE B 94 10.19 28.01 4.03
CA PHE B 94 9.80 28.13 2.64
C PHE B 94 8.31 28.37 2.50
N LYS B 95 7.94 29.39 1.74
CA LYS B 95 6.55 29.67 1.41
C LYS B 95 6.49 30.01 -0.07
N CYS B 96 5.35 30.55 -0.51
CA CYS B 96 5.23 31.10 -1.85
C CYS B 96 4.68 32.52 -1.87
N PHE B 97 3.89 32.95 -0.90
CA PHE B 97 3.35 34.35 -0.91
C PHE B 97 3.10 34.61 0.56
N PRO B 98 3.63 35.76 1.35
CA PRO B 98 3.77 35.99 2.79
C PRO B 98 2.52 35.72 3.62
N ASN B 99 1.36 35.55 3.00
CA ASN B 99 0.18 35.11 3.72
C ASN B 99 0.08 33.60 3.82
N GLY B 100 1.01 32.87 3.22
CA GLY B 100 0.99 31.42 3.23
C GLY B 100 1.65 30.85 4.47
N SER B 101 2.14 29.62 4.34
CA SER B 101 2.71 28.92 5.48
C SER B 101 3.60 27.79 4.97
N ASN B 102 4.39 27.22 5.89
CA ASN B 102 5.25 26.09 5.58
C ASN B 102 4.79 24.79 6.22
N ASP B 103 3.74 24.82 7.05
CA ASP B 103 3.23 23.56 7.61
C ASP B 103 2.61 22.67 6.54
N VAL B 104 1.99 23.28 5.51
CA VAL B 104 1.53 22.49 4.39
C VAL B 104 2.71 22.01 3.55
N TRP B 105 3.86 22.68 3.61
CA TRP B 105 5.05 22.13 2.99
C TRP B 105 5.60 20.95 3.80
N LEU B 106 5.42 20.97 5.12
CA LEU B 106 5.80 19.80 5.90
C LEU B 106 4.84 18.64 5.66
N LEU B 107 3.57 18.93 5.42
CA LEU B 107 2.64 17.87 5.01
C LEU B 107 2.99 17.33 3.62
N ASN B 108 3.45 18.20 2.72
CA ASN B 108 3.94 17.76 1.42
C ASN B 108 5.17 16.87 1.57
N LYS B 109 6.05 17.20 2.50
CA LYS B 109 7.22 16.37 2.78
C LYS B 109 6.82 15.00 3.34
N VAL B 110 5.83 14.98 4.24
CA VAL B 110 5.32 13.72 4.80
C VAL B 110 4.74 12.85 3.69
N ARG B 111 3.93 13.43 2.80
CA ARG B 111 3.30 12.65 1.73
C ARG B 111 4.33 12.16 0.72
N PHE B 112 5.34 12.99 0.41
CA PHE B 112 6.37 12.59 -0.53
C PHE B 112 7.21 11.45 0.03
N TYR B 113 7.65 11.55 1.28
CA TYR B 113 8.44 10.47 1.80
C TYR B 113 7.62 9.22 2.08
N ARG B 114 6.32 9.36 2.36
CA ARG B 114 5.48 8.18 2.50
C ARG B 114 5.36 7.42 1.17
N ALA B 115 5.15 8.15 0.08
CA ALA B 115 5.12 7.51 -1.24
C ALA B 115 6.47 6.93 -1.61
N LEU B 116 7.56 7.60 -1.22
CA LEU B 116 8.90 7.13 -1.55
C LEU B 116 9.27 5.85 -0.81
N TYR B 117 8.98 5.76 0.49
CA TYR B 117 9.25 4.52 1.22
C TYR B 117 8.33 3.40 0.75
N SER B 118 7.07 3.72 0.47
CA SER B 118 6.11 2.71 0.04
C SER B 118 6.47 2.12 -1.32
N ASN B 119 7.09 2.90 -2.20
CA ASN B 119 7.51 2.31 -3.46
C ASN B 119 8.90 1.70 -3.39
N MET B 120 9.82 2.28 -2.63
CA MET B 120 11.17 1.71 -2.53
C MET B 120 11.22 0.45 -1.69
N ALA B 121 10.16 0.12 -0.95
CA ALA B 121 10.15 -1.17 -0.28
C ALA B 121 9.98 -2.34 -1.25
N PHE B 122 9.53 -2.07 -2.48
CA PHE B 122 9.24 -3.11 -3.46
C PHE B 122 10.15 -3.09 -4.67
N PHE B 123 10.60 -1.92 -5.10
CA PHE B 123 11.53 -1.79 -6.22
C PHE B 123 12.94 -1.64 -5.67
N ARG B 124 13.92 -1.73 -6.57
CA ARG B 124 15.29 -1.60 -6.12
C ARG B 124 16.07 -0.50 -6.80
N TYR B 125 15.69 -0.10 -8.01
CA TYR B 125 16.38 0.96 -8.73
C TYR B 125 15.64 2.27 -8.55
N LEU B 126 16.39 3.34 -8.35
CA LEU B 126 15.82 4.66 -8.16
C LEU B 126 16.64 5.69 -8.92
N THR B 127 15.99 6.50 -9.75
CA THR B 127 16.63 7.64 -10.36
C THR B 127 15.59 8.70 -10.65
N PHE B 128 16.04 9.91 -10.94
CA PHE B 128 15.16 10.98 -11.37
C PHE B 128 15.15 11.05 -12.88
N VAL B 129 13.96 11.26 -13.44
CA VAL B 129 13.81 11.47 -14.88
C VAL B 129 13.13 12.81 -15.10
N ASP B 130 13.29 13.32 -16.31
CA ASP B 130 12.65 14.57 -16.71
C ASP B 130 11.36 14.30 -17.45
N ILE B 131 10.53 15.33 -17.55
CA ILE B 131 9.31 15.24 -18.34
C ILE B 131 9.47 16.17 -19.54
N PRO B 132 9.74 15.64 -20.72
CA PRO B 132 9.92 16.51 -21.89
C PRO B 132 8.60 17.02 -22.44
N TYR B 133 8.67 18.18 -23.08
CA TYR B 133 7.50 18.79 -23.71
C TYR B 133 7.93 19.41 -25.03
N ASN B 134 7.05 20.23 -25.59
CA ASN B 134 7.42 21.10 -26.68
C ASN B 134 8.01 22.39 -26.12
N VAL B 135 8.27 23.35 -27.01
CA VAL B 135 8.62 24.71 -26.57
C VAL B 135 7.30 25.47 -26.49
N SER B 136 6.62 25.30 -25.37
CA SER B 136 5.36 25.97 -25.08
C SER B 136 5.66 27.27 -24.33
N LEU B 137 4.65 27.87 -23.72
CA LEU B 137 4.89 28.83 -22.65
C LEU B 137 5.72 28.15 -21.57
N SER B 138 6.93 28.66 -21.35
CA SER B 138 7.96 27.91 -20.63
C SER B 138 7.63 27.79 -19.16
N LYS B 139 7.55 28.91 -18.45
CA LYS B 139 7.26 28.92 -17.02
C LYS B 139 6.19 29.96 -16.74
N PHE B 140 5.82 30.07 -15.47
CA PHE B 140 5.02 31.20 -14.98
C PHE B 140 5.33 31.32 -13.49
N ASN B 141 5.95 32.43 -13.10
CA ASN B 141 6.45 32.58 -11.74
C ASN B 141 5.27 32.81 -10.79
N SER B 142 4.81 31.74 -10.15
CA SER B 142 3.77 31.84 -9.14
C SER B 142 4.30 31.71 -7.71
N CYS B 143 5.46 31.08 -7.53
CA CYS B 143 6.03 30.87 -6.21
C CYS B 143 7.49 31.28 -6.20
N LYS B 144 7.91 31.91 -5.10
CA LYS B 144 9.25 32.45 -4.94
C LYS B 144 9.49 32.70 -3.45
N SER B 145 10.70 32.41 -2.99
CA SER B 145 11.02 32.66 -1.59
C SER B 145 12.45 33.13 -1.36
N ASP B 146 13.21 33.46 -2.42
CA ASP B 146 14.54 34.06 -2.42
C ASP B 146 15.63 33.12 -1.89
N ILE B 147 15.26 31.92 -1.45
CA ILE B 147 16.23 30.94 -0.97
C ILE B 147 16.02 29.63 -1.70
N LEU B 148 14.80 29.41 -2.17
CA LEU B 148 14.45 28.23 -2.97
C LEU B 148 13.48 28.65 -4.07
N SER B 149 13.75 28.18 -5.28
CA SER B 149 12.86 28.41 -6.42
C SER B 149 12.62 27.07 -7.08
N LEU B 150 11.35 26.69 -7.21
CA LEU B 150 10.98 25.37 -7.71
C LEU B 150 10.65 25.44 -9.19
N ASN B 151 10.96 24.35 -9.88
CA ASN B 151 10.51 24.14 -11.24
C ASN B 151 9.49 23.03 -11.37
N ASN B 152 9.42 22.12 -10.40
CA ASN B 152 8.45 21.04 -10.43
C ASN B 152 7.33 21.37 -9.45
N PRO B 153 6.10 21.66 -9.91
CA PRO B 153 5.58 21.61 -11.28
C PRO B 153 5.61 22.92 -12.09
N ILE B 154 5.54 22.79 -13.41
CA ILE B 154 5.41 23.92 -14.31
C ILE B 154 4.01 24.50 -14.21
N PHE B 155 3.90 25.82 -14.29
CA PHE B 155 2.61 26.52 -14.38
C PHE B 155 2.49 27.15 -15.77
N ILE B 156 1.38 26.86 -16.45
CA ILE B 156 1.14 27.30 -17.83
C ILE B 156 -0.31 27.76 -17.95
N ASN B 157 -0.53 28.86 -18.68
CA ASN B 157 -1.88 29.24 -19.09
C ASN B 157 -2.49 28.14 -19.96
N TYR B 158 -3.66 27.65 -19.56
CA TYR B 158 -4.15 26.33 -19.98
C TYR B 158 -4.43 26.16 -21.46
N SER B 159 -5.53 26.74 -21.95
CA SER B 159 -5.90 26.91 -23.36
C SER B 159 -6.10 25.64 -24.19
N LYS B 160 -5.74 24.47 -23.66
CA LYS B 160 -5.77 23.17 -24.36
C LYS B 160 -5.31 22.09 -23.38
N GLU B 161 -5.42 20.84 -23.82
CA GLU B 161 -4.98 19.69 -23.05
C GLU B 161 -3.60 19.26 -23.53
N VAL B 162 -2.62 19.33 -22.64
CA VAL B 162 -1.24 19.00 -22.97
C VAL B 162 -1.09 17.48 -22.88
N TYR B 163 0.02 16.96 -23.40
CA TYR B 163 0.33 15.53 -23.34
C TYR B 163 1.76 15.35 -22.91
N PHE B 164 2.03 14.26 -22.18
CA PHE B 164 3.40 13.85 -21.91
C PHE B 164 3.43 12.34 -21.77
N THR B 165 4.46 11.73 -22.33
CA THR B 165 4.59 10.28 -22.33
C THR B 165 5.63 9.84 -21.31
N LEU B 166 5.52 8.58 -20.92
CA LEU B 166 6.43 7.97 -19.96
C LEU B 166 6.74 6.56 -20.42
N LEU B 167 8.01 6.29 -20.69
CA LEU B 167 8.43 4.96 -21.12
C LEU B 167 9.81 4.68 -20.56
N GLY B 168 10.23 3.43 -20.68
CA GLY B 168 11.52 2.97 -20.22
C GLY B 168 11.54 2.43 -18.80
N CYS B 169 10.82 3.08 -17.89
CA CYS B 169 10.84 2.67 -16.50
C CYS B 169 9.74 1.64 -16.23
N SER B 170 9.46 1.40 -14.95
CA SER B 170 8.43 0.48 -14.52
C SER B 170 7.38 1.11 -13.62
N LEU B 171 7.73 2.14 -12.86
CA LEU B 171 6.80 2.80 -11.95
C LEU B 171 7.37 4.17 -11.63
N TYR B 172 6.56 5.21 -11.75
CA TYR B 172 7.01 6.58 -11.61
C TYR B 172 6.47 7.20 -10.33
N LEU B 173 6.77 8.48 -10.13
CA LEU B 173 6.22 9.23 -9.00
C LEU B 173 6.18 10.70 -9.42
N VAL B 174 5.03 11.17 -9.86
CA VAL B 174 4.95 12.56 -10.30
C VAL B 174 4.14 13.33 -9.25
N PRO B 175 4.27 14.65 -9.15
CA PRO B 175 3.43 15.42 -8.26
C PRO B 175 2.18 15.91 -8.98
N LEU B 176 1.21 16.34 -8.18
CA LEU B 176 -0.03 16.91 -8.68
C LEU B 176 -0.43 18.01 -7.70
N CYS B 177 -0.08 19.25 -8.04
CA CYS B 177 -0.05 20.33 -7.07
C CYS B 177 -1.00 21.45 -7.50
N LEU B 178 -1.65 22.07 -6.52
CA LEU B 178 -2.57 23.18 -6.76
C LEU B 178 -2.49 24.15 -5.58
N PHE B 179 -2.86 25.42 -5.80
CA PHE B 179 -2.78 26.40 -4.71
C PHE B 179 -4.07 26.44 -3.89
N LYS B 180 -5.14 26.96 -4.49
CA LYS B 180 -6.45 27.13 -3.85
C LYS B 180 -7.45 27.33 -4.98
N SER B 181 -8.41 26.43 -5.11
CA SER B 181 -9.36 26.53 -6.21
C SER B 181 -10.65 25.83 -5.82
N ASN B 182 -11.58 25.78 -6.78
CA ASN B 182 -12.68 24.86 -6.77
C ASN B 182 -12.59 23.89 -7.93
N PHE B 183 -11.46 23.90 -8.63
CA PHE B 183 -11.28 23.17 -9.87
C PHE B 183 -10.53 21.87 -9.57
N SER B 184 -10.24 21.10 -10.61
CA SER B 184 -9.72 19.76 -10.42
C SER B 184 -8.86 19.37 -11.60
N GLN B 185 -7.56 19.25 -11.37
CA GLN B 185 -6.62 18.83 -12.40
C GLN B 185 -6.58 17.31 -12.47
N TYR B 186 -6.43 16.78 -13.68
CA TYR B 186 -6.41 15.35 -13.89
C TYR B 186 -5.22 14.93 -14.74
N TYR B 187 -4.80 13.69 -14.56
CA TYR B 187 -3.71 13.10 -15.33
C TYR B 187 -4.21 11.87 -16.07
N TYR B 188 -5.32 12.04 -16.81
CA TYR B 188 -5.99 10.97 -17.55
C TYR B 188 -5.04 10.20 -18.46
N ASN B 189 -5.10 8.88 -18.36
CA ASN B 189 -4.31 7.99 -19.21
C ASN B 189 -5.07 7.73 -20.50
N ILE B 190 -4.41 7.96 -21.63
CA ILE B 190 -5.07 7.75 -22.92
C ILE B 190 -5.18 6.27 -23.23
N ASP B 191 -4.12 5.51 -22.95
CA ASP B 191 -4.07 4.10 -23.34
C ASP B 191 -5.00 3.24 -22.49
N THR B 192 -4.79 3.22 -21.18
CA THR B 192 -5.59 2.37 -20.31
C THR B 192 -6.90 3.04 -19.90
N GLY B 193 -6.82 4.23 -19.32
CA GLY B 193 -8.01 4.94 -18.92
C GLY B 193 -8.04 5.26 -17.44
N SER B 194 -6.95 5.00 -16.74
CA SER B 194 -6.90 5.30 -15.32
C SER B 194 -6.76 6.80 -15.11
N VAL B 195 -7.52 7.32 -14.15
CA VAL B 195 -7.63 8.75 -13.92
C VAL B 195 -7.06 9.06 -12.54
N TYR B 196 -6.19 10.06 -12.47
CA TYR B 196 -5.61 10.51 -11.21
C TYR B 196 -5.88 12.01 -11.09
N GLY B 197 -6.52 12.41 -9.99
CA GLY B 197 -6.91 13.80 -9.83
C GLY B 197 -6.69 14.29 -8.41
N PHE B 198 -6.75 15.61 -8.27
CA PHE B 198 -6.59 16.26 -6.97
C PHE B 198 -7.18 17.66 -7.05
N SER B 199 -7.77 18.09 -5.94
CA SER B 199 -8.22 19.46 -5.78
C SER B 199 -7.73 19.99 -4.44
N ASN B 200 -7.71 21.31 -4.31
CA ASN B 200 -7.28 21.96 -3.08
C ASN B 200 -8.39 22.91 -2.66
N VAL B 201 -8.98 22.68 -1.49
CA VAL B 201 -10.07 23.53 -1.04
C VAL B 201 -9.57 24.48 0.04
N VAL B 202 -9.15 23.96 1.18
CA VAL B 202 -8.64 24.78 2.29
C VAL B 202 -7.26 24.24 2.65
N TYR B 203 -6.23 24.77 1.98
CA TYR B 203 -4.82 24.69 2.33
C TYR B 203 -4.20 25.93 1.69
N PRO B 204 -3.58 26.81 2.47
CA PRO B 204 -3.25 28.15 1.95
C PRO B 204 -2.16 28.17 0.89
N ASP B 205 -1.08 27.44 1.08
CA ASP B 205 0.03 27.46 0.14
C ASP B 205 -0.11 26.26 -0.81
N LEU B 206 0.94 26.01 -1.61
CA LEU B 206 0.91 25.06 -2.72
C LEU B 206 0.92 23.64 -2.18
N ASP B 207 -0.26 23.01 -2.16
CA ASP B 207 -0.43 21.65 -1.66
C ASP B 207 -0.21 20.64 -2.78
N CYS B 208 0.40 19.50 -2.43
CA CYS B 208 0.74 18.47 -3.41
C CYS B 208 0.33 17.10 -2.91
N ILE B 209 0.07 16.20 -3.86
CA ILE B 209 0.02 14.77 -3.61
C ILE B 209 0.89 14.10 -4.67
N TYR B 210 1.31 12.88 -4.38
CA TYR B 210 2.36 12.21 -5.13
C TYR B 210 1.84 10.86 -5.59
N ILE B 211 1.34 10.80 -6.80
CA ILE B 211 0.78 9.58 -7.35
C ILE B 211 1.88 8.74 -7.96
N SER B 212 1.61 7.46 -8.14
CA SER B 212 2.57 6.51 -8.69
C SER B 212 2.05 6.06 -10.05
N LEU B 213 2.50 6.73 -11.10
CA LEU B 213 2.03 6.42 -12.44
C LEU B 213 2.73 5.20 -13.01
N LYS B 214 2.07 4.58 -13.96
CA LYS B 214 2.57 3.49 -14.77
C LYS B 214 3.13 4.05 -16.07
N PRO B 215 4.06 3.33 -16.73
CA PRO B 215 4.64 3.87 -17.96
C PRO B 215 3.69 3.87 -19.13
N GLY B 216 2.84 4.89 -19.22
CA GLY B 216 1.94 5.08 -20.34
C GLY B 216 2.08 6.47 -20.93
N SER B 217 0.99 6.94 -21.53
CA SER B 217 0.91 8.28 -22.09
C SER B 217 -0.26 9.01 -21.45
N TYR B 218 0.00 10.19 -20.90
CA TYR B 218 -0.95 10.88 -20.06
C TYR B 218 -1.27 12.26 -20.61
N LYS B 219 -2.52 12.67 -20.50
CA LYS B 219 -2.95 14.02 -20.82
C LYS B 219 -3.36 14.73 -19.54
N VAL B 220 -3.35 16.05 -19.58
CA VAL B 220 -3.69 16.87 -18.42
C VAL B 220 -4.89 17.75 -18.77
N SER B 221 -5.93 17.69 -17.95
CA SER B 221 -7.11 18.52 -18.12
C SER B 221 -7.54 19.02 -16.76
N THR B 222 -7.82 20.32 -16.64
CA THR B 222 -8.09 20.87 -15.32
C THR B 222 -9.35 21.74 -15.25
N THR B 223 -9.73 22.37 -16.36
CA THR B 223 -10.72 23.45 -16.43
C THR B 223 -10.41 24.53 -15.38
N ALA B 224 -9.27 25.17 -15.60
CA ALA B 224 -8.73 26.15 -14.67
C ALA B 224 -7.91 27.16 -15.46
N PRO B 225 -7.65 28.34 -14.90
CA PRO B 225 -6.73 29.27 -15.59
C PRO B 225 -5.30 28.79 -15.66
N PHE B 226 -4.88 27.90 -14.77
CA PHE B 226 -3.48 27.45 -14.75
C PHE B 226 -3.46 25.95 -14.52
N LEU B 227 -3.07 25.17 -15.52
CA LEU B 227 -2.74 23.78 -15.28
C LEU B 227 -1.34 23.71 -14.69
N SER B 228 -1.15 22.80 -13.75
CA SER B 228 0.08 22.74 -12.96
C SER B 228 0.69 21.37 -13.20
N LEU B 229 1.71 21.32 -14.05
CA LEU B 229 2.14 20.07 -14.66
C LEU B 229 3.60 19.80 -14.36
N PRO B 230 4.00 18.54 -14.15
CA PRO B 230 5.32 18.26 -13.61
C PRO B 230 6.39 18.31 -14.67
N THR B 231 7.63 18.47 -14.21
CA THR B 231 8.80 18.39 -15.06
C THR B 231 9.85 17.41 -14.57
N LYS B 232 9.84 17.01 -13.31
CA LYS B 232 10.73 15.98 -12.79
C LYS B 232 9.90 14.89 -12.13
N ALA B 233 10.39 13.66 -12.23
CA ALA B 233 9.70 12.51 -11.69
C ALA B 233 10.73 11.45 -11.31
N LEU B 234 10.34 10.58 -10.39
CA LEU B 234 11.21 9.48 -10.01
C LEU B 234 11.07 8.33 -11.00
N CYS B 235 11.88 7.30 -10.82
CA CYS B 235 11.83 6.13 -11.69
C CYS B 235 12.19 4.90 -10.88
N PHE B 236 11.25 3.99 -10.74
CA PHE B 236 11.45 2.77 -9.98
C PHE B 236 11.54 1.61 -10.97
N ASP B 237 12.66 0.89 -10.95
CA ASP B 237 12.88 -0.22 -11.86
C ASP B 237 13.25 -1.48 -11.09
N LYS B 238 13.18 -2.61 -11.80
CA LYS B 238 13.62 -3.92 -11.34
C LYS B 238 12.90 -4.33 -10.05
N SER B 239 11.60 -4.59 -10.22
CA SER B 239 10.74 -4.98 -9.12
C SER B 239 11.23 -6.26 -8.46
N LYS B 240 11.45 -6.20 -7.15
CA LYS B 240 12.02 -7.29 -6.39
C LYS B 240 11.05 -7.75 -5.31
N GLN B 241 11.48 -8.76 -4.56
CA GLN B 241 10.73 -9.22 -3.40
C GLN B 241 10.87 -8.21 -2.27
N PHE B 242 9.82 -8.12 -1.44
CA PHE B 242 9.65 -7.08 -0.43
C PHE B 242 10.78 -6.98 0.59
N VAL B 243 11.52 -5.87 0.55
CA VAL B 243 12.59 -5.60 1.51
C VAL B 243 12.35 -4.20 2.06
N PRO B 244 12.22 -4.03 3.38
CA PRO B 244 11.89 -2.71 3.92
C PRO B 244 13.04 -1.72 3.82
N VAL B 245 12.70 -0.44 3.93
CA VAL B 245 13.63 0.66 3.73
C VAL B 245 13.94 1.30 5.08
N GLN B 246 15.21 1.42 5.40
CA GLN B 246 15.65 1.91 6.69
C GLN B 246 15.88 3.41 6.66
N VAL B 247 15.60 4.06 7.78
CA VAL B 247 15.73 5.51 7.94
C VAL B 247 16.69 5.77 9.09
N VAL B 248 17.51 6.79 8.96
CA VAL B 248 18.16 7.42 10.10
C VAL B 248 17.60 8.83 10.20
N ASP B 249 17.33 9.28 11.42
CA ASP B 249 16.64 10.55 11.64
C ASP B 249 17.57 11.70 11.28
N SER B 250 17.38 12.27 10.10
CA SER B 250 18.27 13.32 9.59
C SER B 250 17.69 14.67 9.99
N ARG B 251 18.22 15.28 11.05
CA ARG B 251 17.70 16.53 11.57
C ARG B 251 18.85 17.47 11.91
N TRP B 252 18.50 18.73 12.21
CA TRP B 252 19.49 19.74 12.56
C TRP B 252 19.93 19.58 14.02
N ASN B 253 20.63 20.58 14.53
CA ASN B 253 20.86 20.69 15.96
C ASN B 253 19.66 21.40 16.59
N ASN B 254 19.53 21.23 17.91
CA ASN B 254 18.35 21.70 18.63
C ASN B 254 18.26 23.21 18.70
N GLU B 255 19.36 23.94 18.50
CA GLU B 255 19.26 25.38 18.38
C GLU B 255 18.58 25.80 17.08
N ARG B 256 18.62 24.96 16.05
CA ARG B 256 17.85 25.19 14.84
C ARG B 256 16.56 24.39 14.90
N ALA B 257 15.74 24.55 13.87
CA ALA B 257 14.44 23.90 13.85
C ALA B 257 14.58 22.43 13.46
N SER B 258 13.50 21.68 13.67
CA SER B 258 13.44 20.28 13.30
C SER B 258 11.99 19.95 12.96
N ASP B 259 11.72 18.67 12.77
CA ASP B 259 10.38 18.19 12.46
C ASP B 259 10.27 16.73 12.89
N ILE B 260 9.10 16.16 12.65
CA ILE B 260 8.84 14.74 12.92
C ILE B 260 8.43 14.03 11.64
N SER B 261 8.76 14.60 10.48
CA SER B 261 8.21 14.13 9.21
C SER B 261 8.77 12.78 8.80
N LEU B 262 10.05 12.53 9.07
CA LEU B 262 10.64 11.25 8.71
C LEU B 262 10.21 10.12 9.65
N SER B 263 9.55 10.43 10.77
CA SER B 263 8.95 9.40 11.60
C SER B 263 7.47 9.21 11.34
N VAL B 264 6.78 10.25 10.86
CA VAL B 264 5.39 10.10 10.47
C VAL B 264 5.32 9.34 9.15
N ALA B 265 6.22 9.65 8.21
CA ALA B 265 6.20 8.97 6.92
C ALA B 265 6.71 7.53 7.01
N CYS B 266 7.46 7.18 8.04
CA CYS B 266 8.03 5.84 8.17
C CYS B 266 7.12 5.03 9.09
N GLN B 267 6.24 4.23 8.51
CA GLN B 267 5.33 3.37 9.25
C GLN B 267 5.59 1.91 8.87
N LEU B 268 5.16 1.02 9.76
CA LEU B 268 5.29 -0.40 9.51
C LEU B 268 4.32 -0.85 8.43
N PRO B 269 4.64 -1.94 7.69
CA PRO B 269 5.78 -2.85 7.70
C PRO B 269 6.90 -2.47 6.75
N TYR B 270 6.65 -1.45 5.93
CA TYR B 270 7.54 -1.13 4.83
C TYR B 270 8.76 -0.33 5.24
N CYS B 271 8.93 -0.03 6.52
CA CYS B 271 9.91 0.99 6.88
C CYS B 271 10.35 0.81 8.33
N TYR B 272 11.65 0.94 8.58
CA TYR B 272 12.21 0.90 9.91
C TYR B 272 12.92 2.20 10.20
N PHE B 273 12.54 2.86 11.28
CA PHE B 273 13.03 4.19 11.62
C PHE B 273 14.03 4.08 12.75
N ARG B 274 15.23 4.62 12.55
CA ARG B 274 16.28 4.63 13.55
C ARG B 274 16.56 6.06 13.96
N ASN B 275 16.58 6.31 15.26
CA ASN B 275 16.77 7.65 15.81
C ASN B 275 17.81 7.59 16.90
N SER B 276 18.55 8.68 17.06
CA SER B 276 19.47 8.82 18.18
C SER B 276 18.70 9.15 19.44
N SER B 277 19.15 8.60 20.57
CA SER B 277 18.48 8.86 21.83
C SER B 277 18.79 10.26 22.33
N ALA B 278 20.06 10.65 22.30
CA ALA B 278 20.48 11.93 22.83
C ALA B 278 20.31 13.02 21.78
N ASN B 279 20.88 14.19 22.04
CA ASN B 279 20.79 15.33 21.15
C ASN B 279 21.82 15.22 20.03
N TYR B 280 22.02 16.30 19.29
CA TYR B 280 22.93 16.33 18.14
C TYR B 280 24.06 17.29 18.47
N VAL B 281 25.24 16.75 18.77
CA VAL B 281 26.42 17.55 19.11
C VAL B 281 27.47 17.25 18.05
N GLY B 282 27.74 18.23 17.19
CA GLY B 282 28.64 18.01 16.08
C GLY B 282 30.11 18.02 16.47
N LYS B 283 30.94 17.62 15.51
CA LYS B 283 32.39 17.57 15.69
C LYS B 283 33.14 18.47 14.73
N TYR B 284 32.87 18.36 13.43
CA TYR B 284 33.50 19.24 12.44
C TYR B 284 33.04 20.68 12.60
N ASP B 285 31.74 20.85 12.83
CA ASP B 285 31.15 22.12 13.22
C ASP B 285 29.96 21.79 14.09
N ILE B 286 29.02 22.73 14.19
CA ILE B 286 27.78 22.49 14.94
C ILE B 286 26.98 21.36 14.31
N ASN B 287 26.93 21.30 12.98
CA ASN B 287 25.98 20.44 12.27
C ASN B 287 26.65 19.36 11.42
N HIS B 288 27.78 18.81 11.87
CA HIS B 288 28.38 17.65 11.22
C HIS B 288 29.04 16.77 12.27
N GLY B 289 28.82 15.47 12.19
CA GLY B 289 29.58 14.53 12.99
C GLY B 289 29.17 14.36 14.44
N ASP B 290 27.97 13.87 14.68
CA ASP B 290 27.57 13.50 16.03
C ASP B 290 28.00 12.07 16.33
N SER B 291 28.41 11.82 17.57
CA SER B 291 28.91 10.49 17.95
C SER B 291 27.80 9.46 17.96
N GLY B 292 26.57 9.86 18.32
CA GLY B 292 25.47 8.92 18.30
C GLY B 292 25.07 8.51 16.90
N PHE B 293 25.14 9.45 15.96
CA PHE B 293 24.86 9.08 14.57
C PHE B 293 26.02 8.35 13.93
N ILE B 294 27.25 8.53 14.41
CA ILE B 294 28.33 7.64 14.01
C ILE B 294 28.07 6.23 14.52
N SER B 295 27.55 6.12 15.74
CA SER B 295 27.17 4.81 16.30
C SER B 295 26.02 4.18 15.52
N ILE B 296 25.11 5.00 15.00
CA ILE B 296 24.03 4.46 14.18
C ILE B 296 24.54 4.01 12.81
N LEU B 297 25.24 4.90 12.11
CA LEU B 297 25.70 4.61 10.75
C LEU B 297 26.85 3.61 10.70
N SER B 298 27.47 3.27 11.84
CA SER B 298 28.57 2.32 11.83
C SER B 298 28.14 0.89 11.55
N GLY B 299 26.84 0.60 11.57
CA GLY B 299 26.37 -0.74 11.26
C GLY B 299 26.51 -1.14 9.82
N LEU B 300 26.81 -0.20 8.93
CA LEU B 300 27.02 -0.51 7.52
C LEU B 300 28.31 -1.30 7.29
N LEU B 301 29.23 -1.27 8.24
CA LEU B 301 30.56 -1.86 8.07
C LEU B 301 30.58 -3.37 8.16
N TYR B 302 29.46 -4.02 8.48
CA TYR B 302 29.49 -5.45 8.74
C TYR B 302 28.12 -6.04 8.47
N ASN B 303 28.12 -7.28 7.99
CA ASN B 303 26.89 -8.01 7.79
C ASN B 303 26.24 -8.34 9.12
N VAL B 304 24.92 -8.48 9.10
CA VAL B 304 24.14 -8.90 10.26
C VAL B 304 23.27 -10.07 9.86
N SER B 305 22.46 -10.54 10.80
CA SER B 305 21.55 -11.65 10.55
C SER B 305 20.10 -11.21 10.47
N CYS B 306 19.65 -10.40 11.41
CA CYS B 306 18.26 -10.01 11.49
C CYS B 306 18.14 -8.50 11.50
N ILE B 307 16.97 -8.01 11.07
CA ILE B 307 16.62 -6.60 11.13
C ILE B 307 15.22 -6.50 11.70
N SER B 308 15.09 -5.87 12.86
CA SER B 308 13.81 -5.82 13.56
C SER B 308 13.40 -4.38 13.81
N TYR B 309 12.18 -4.23 14.31
CA TYR B 309 11.65 -2.91 14.62
C TYR B 309 12.30 -2.31 15.86
N TYR B 310 12.81 -3.17 16.76
CA TYR B 310 13.42 -2.69 17.99
C TYR B 310 14.94 -2.59 17.92
N GLY B 311 15.55 -3.23 16.94
CA GLY B 311 17.00 -3.18 16.82
C GLY B 311 17.44 -4.13 15.73
N VAL B 312 18.76 -4.18 15.55
CA VAL B 312 19.39 -5.03 14.55
C VAL B 312 20.20 -6.09 15.29
N PHE B 313 20.01 -7.34 14.90
CA PHE B 313 20.64 -8.47 15.59
C PHE B 313 21.80 -9.00 14.76
N LEU B 314 22.96 -9.15 15.40
CA LEU B 314 24.16 -9.59 14.71
C LEU B 314 24.20 -11.11 14.57
N TYR B 315 24.19 -11.82 15.69
CA TYR B 315 24.22 -13.28 15.67
C TYR B 315 22.80 -13.82 15.76
N ASP B 316 22.67 -15.10 15.40
CA ASP B 316 21.36 -15.73 15.32
C ASP B 316 21.28 -17.00 16.17
N ASN B 317 21.98 -17.04 17.30
CA ASN B 317 21.76 -18.12 18.25
C ASN B 317 20.47 -17.89 19.03
N PHE B 318 20.48 -16.84 19.85
CA PHE B 318 19.40 -16.50 20.77
C PHE B 318 19.46 -15.01 20.99
N THR B 319 18.45 -14.48 21.68
CA THR B 319 18.43 -13.08 22.09
C THR B 319 17.48 -12.93 23.28
N SER B 320 17.48 -11.72 23.85
CA SER B 320 16.69 -11.47 25.04
C SER B 320 15.24 -11.18 24.70
N ILE B 321 14.98 -10.11 23.97
CA ILE B 321 13.62 -9.72 23.63
C ILE B 321 13.26 -10.32 22.27
N TRP B 322 11.97 -10.49 22.05
CA TRP B 322 11.50 -11.09 20.80
C TRP B 322 11.62 -10.09 19.67
N PRO B 323 12.15 -10.48 18.52
CA PRO B 323 12.17 -9.58 17.37
C PRO B 323 10.79 -9.44 16.76
N TYR B 324 10.11 -8.33 17.04
CA TYR B 324 8.82 -8.05 16.46
C TYR B 324 9.02 -7.32 15.14
N TYR B 325 8.29 -7.77 14.12
CA TYR B 325 8.41 -7.28 12.74
C TYR B 325 9.84 -7.44 12.24
N SER B 326 10.35 -8.65 12.40
CA SER B 326 11.71 -8.99 12.04
C SER B 326 11.85 -9.14 10.54
N PHE B 327 13.08 -9.27 10.08
CA PHE B 327 13.36 -9.43 8.66
C PHE B 327 14.66 -10.18 8.48
N GLY B 328 14.59 -11.35 7.85
CA GLY B 328 15.78 -12.13 7.55
C GLY B 328 15.98 -13.32 8.47
N ARG B 329 17.24 -13.72 8.63
CA ARG B 329 17.60 -14.86 9.47
C ARG B 329 17.59 -14.39 10.92
N CYS B 330 16.54 -14.74 11.66
CA CYS B 330 16.37 -14.05 12.93
C CYS B 330 16.42 -14.99 14.12
N PRO B 331 17.06 -14.59 15.21
CA PRO B 331 17.17 -15.46 16.38
C PRO B 331 15.86 -15.50 17.18
N THR B 332 15.83 -16.40 18.15
CA THR B 332 14.69 -16.62 19.02
C THR B 332 15.03 -16.19 20.44
N SER B 333 14.02 -16.24 21.31
CA SER B 333 14.19 -15.92 22.72
C SER B 333 13.69 -17.02 23.64
N SER B 334 13.25 -18.15 23.10
CA SER B 334 12.86 -19.27 23.93
C SER B 334 14.08 -19.94 24.53
N ILE B 335 13.96 -20.36 25.78
CA ILE B 335 15.09 -20.93 26.50
C ILE B 335 15.35 -22.36 26.05
#